data_1EDI
# 
_entry.id   1EDI 
# 
_audit_conform.dict_name       mmcif_pdbx.dic 
_audit_conform.dict_version    5.392 
_audit_conform.dict_location   http://mmcif.pdb.org/dictionaries/ascii/mmcif_pdbx.dic 
# 
loop_
_database_2.database_id 
_database_2.database_code 
_database_2.pdbx_database_accession 
_database_2.pdbx_DOI 
PDB   1EDI         pdb_00001edi 10.2210/pdb1edi/pdb 
WWPDB D_1000173023 ?            ?                   
# 
loop_
_pdbx_audit_revision_history.ordinal 
_pdbx_audit_revision_history.data_content_type 
_pdbx_audit_revision_history.major_revision 
_pdbx_audit_revision_history.minor_revision 
_pdbx_audit_revision_history.revision_date 
1 'Structure model' 1 0 1997-04-01 
2 'Structure model' 1 1 2008-03-24 
3 'Structure model' 1 2 2011-07-13 
4 'Structure model' 1 3 2022-02-16 
5 'Structure model' 1 4 2024-05-22 
# 
_pdbx_audit_revision_details.ordinal             1 
_pdbx_audit_revision_details.revision_ordinal    1 
_pdbx_audit_revision_details.data_content_type   'Structure model' 
_pdbx_audit_revision_details.provider            repository 
_pdbx_audit_revision_details.type                'Initial release' 
_pdbx_audit_revision_details.description         ? 
_pdbx_audit_revision_details.details             ? 
# 
loop_
_pdbx_audit_revision_group.ordinal 
_pdbx_audit_revision_group.revision_ordinal 
_pdbx_audit_revision_group.data_content_type 
_pdbx_audit_revision_group.group 
1 2 'Structure model' 'Version format compliance' 
2 3 'Structure model' 'Version format compliance' 
3 4 'Structure model' 'Data collection'           
4 4 'Structure model' 'Database references'       
5 4 'Structure model' 'Derived calculations'      
6 4 'Structure model' Other                       
7 5 'Structure model' 'Data collection'           
# 
loop_
_pdbx_audit_revision_category.ordinal 
_pdbx_audit_revision_category.revision_ordinal 
_pdbx_audit_revision_category.data_content_type 
_pdbx_audit_revision_category.category 
1 4 'Structure model' database_2            
2 4 'Structure model' pdbx_database_status  
3 4 'Structure model' pdbx_nmr_software     
4 4 'Structure model' pdbx_struct_assembly  
5 4 'Structure model' pdbx_struct_oper_list 
6 5 'Structure model' chem_comp_atom        
7 5 'Structure model' chem_comp_bond        
# 
loop_
_pdbx_audit_revision_item.ordinal 
_pdbx_audit_revision_item.revision_ordinal 
_pdbx_audit_revision_item.data_content_type 
_pdbx_audit_revision_item.item 
1 4 'Structure model' '_database_2.pdbx_DOI'                
2 4 'Structure model' '_database_2.pdbx_database_accession' 
3 4 'Structure model' '_pdbx_database_status.process_site'  
4 4 'Structure model' '_pdbx_nmr_software.name'             
# 
_pdbx_database_status.status_code                     REL 
_pdbx_database_status.entry_id                        1EDI 
_pdbx_database_status.recvd_initial_deposition_date   1996-10-07 
_pdbx_database_status.deposit_site                    ? 
_pdbx_database_status.process_site                    BNL 
_pdbx_database_status.SG_entry                        . 
_pdbx_database_status.pdb_format_compatible           Y 
_pdbx_database_status.status_code_mr                  ? 
_pdbx_database_status.status_code_sf                  ? 
_pdbx_database_status.status_code_cs                  ? 
_pdbx_database_status.status_code_nmr_data            ? 
_pdbx_database_status.methods_development_category    ? 
# 
_pdbx_database_related.db_name        PDB 
_pdbx_database_related.db_id          1EDJ 
_pdbx_database_related.details        . 
_pdbx_database_related.content_type   ensemble 
# 
loop_
_audit_author.name 
_audit_author.pdbx_ordinal 
'Starovasnik, M.A.' 1 
'Skelton, N.J.'     2 
'Fairbrother, W.J.' 3 
# 
_citation.id                        primary 
_citation.title                     'Solution structure of the E-domain of staphylococcal protein A.' 
_citation.journal_abbrev            Biochemistry 
_citation.journal_volume            35 
_citation.page_first                15558 
_citation.page_last                 15569 
_citation.year                      1996 
_citation.journal_id_ASTM           BICHAW 
_citation.country                   US 
_citation.journal_id_ISSN           0006-2960 
_citation.journal_id_CSD            0033 
_citation.book_publisher            ? 
_citation.pdbx_database_id_PubMed   8952510 
_citation.pdbx_database_id_DOI      10.1021/bi961409x 
# 
loop_
_citation_author.citation_id 
_citation_author.name 
_citation_author.ordinal 
_citation_author.identifier_ORCID 
primary 'Starovasnik, M.A.' 1 ? 
primary 'Skelton, N.J.'     2 ? 
primary 
;O'Connell, M.P.
;
3 ? 
primary 'Kelley, R.F.'      4 ? 
primary 'Reilly, D.'        5 ? 
primary 'Fairbrother, W.J.' 6 ? 
# 
_entity.id                         1 
_entity.type                       polymer 
_entity.src_method                 man 
_entity.pdbx_description           'STAPHYLOCOCCAL PROTEIN A' 
_entity.formula_weight             6203.667 
_entity.pdbx_number_of_molecules   1 
_entity.pdbx_ec                    ? 
_entity.pdbx_mutation              ? 
_entity.pdbx_fragment              E-DOMAIN 
_entity.details                    'PHE 11 CHI 1 ROTOMER IS 180 DEGREES' 
# 
_entity_poly.entity_id                      1 
_entity_poly.type                           'polypeptide(L)' 
_entity_poly.nstd_linkage                   no 
_entity_poly.nstd_monomer                   no 
_entity_poly.pdbx_seq_one_letter_code       AQHDEAQQNAFYQVLNMPNLNADQRNGFIQSLKDDPSQSANVLGEAQKLNDSQAPK 
_entity_poly.pdbx_seq_one_letter_code_can   AQHDEAQQNAFYQVLNMPNLNADQRNGFIQSLKDDPSQSANVLGEAQKLNDSQAPK 
_entity_poly.pdbx_strand_id                 A 
_entity_poly.pdbx_target_identifier         ? 
# 
loop_
_entity_poly_seq.entity_id 
_entity_poly_seq.num 
_entity_poly_seq.mon_id 
_entity_poly_seq.hetero 
1 1  ALA n 
1 2  GLN n 
1 3  HIS n 
1 4  ASP n 
1 5  GLU n 
1 6  ALA n 
1 7  GLN n 
1 8  GLN n 
1 9  ASN n 
1 10 ALA n 
1 11 PHE n 
1 12 TYR n 
1 13 GLN n 
1 14 VAL n 
1 15 LEU n 
1 16 ASN n 
1 17 MET n 
1 18 PRO n 
1 19 ASN n 
1 20 LEU n 
1 21 ASN n 
1 22 ALA n 
1 23 ASP n 
1 24 GLN n 
1 25 ARG n 
1 26 ASN n 
1 27 GLY n 
1 28 PHE n 
1 29 ILE n 
1 30 GLN n 
1 31 SER n 
1 32 LEU n 
1 33 LYS n 
1 34 ASP n 
1 35 ASP n 
1 36 PRO n 
1 37 SER n 
1 38 GLN n 
1 39 SER n 
1 40 ALA n 
1 41 ASN n 
1 42 VAL n 
1 43 LEU n 
1 44 GLY n 
1 45 GLU n 
1 46 ALA n 
1 47 GLN n 
1 48 LYS n 
1 49 LEU n 
1 50 ASN n 
1 51 ASP n 
1 52 SER n 
1 53 GLN n 
1 54 ALA n 
1 55 PRO n 
1 56 LYS n 
# 
_entity_src_gen.entity_id                          1 
_entity_src_gen.pdbx_src_id                        1 
_entity_src_gen.pdbx_alt_source_flag               sample 
_entity_src_gen.pdbx_seq_type                      ? 
_entity_src_gen.pdbx_beg_seq_num                   ? 
_entity_src_gen.pdbx_end_seq_num                   ? 
_entity_src_gen.gene_src_common_name               ? 
_entity_src_gen.gene_src_genus                     Staphylococcus 
_entity_src_gen.pdbx_gene_src_gene                 ? 
_entity_src_gen.gene_src_species                   ? 
_entity_src_gen.gene_src_strain                    ? 
_entity_src_gen.gene_src_tissue                    ? 
_entity_src_gen.gene_src_tissue_fraction           ? 
_entity_src_gen.gene_src_details                   ? 
_entity_src_gen.pdbx_gene_src_fragment             ? 
_entity_src_gen.pdbx_gene_src_scientific_name      'Staphylococcus aureus' 
_entity_src_gen.pdbx_gene_src_ncbi_taxonomy_id     1280 
_entity_src_gen.pdbx_gene_src_variant              ? 
_entity_src_gen.pdbx_gene_src_cell_line            ? 
_entity_src_gen.pdbx_gene_src_atcc                 ? 
_entity_src_gen.pdbx_gene_src_organ                ? 
_entity_src_gen.pdbx_gene_src_organelle            ? 
_entity_src_gen.pdbx_gene_src_cell                 ? 
_entity_src_gen.pdbx_gene_src_cellular_location    ? 
_entity_src_gen.host_org_common_name               ? 
_entity_src_gen.pdbx_host_org_scientific_name      'Escherichia coli' 
_entity_src_gen.pdbx_host_org_ncbi_taxonomy_id     562 
_entity_src_gen.host_org_genus                     Escherichia 
_entity_src_gen.pdbx_host_org_gene                 ? 
_entity_src_gen.pdbx_host_org_organ                ? 
_entity_src_gen.host_org_species                   ? 
_entity_src_gen.pdbx_host_org_tissue               ? 
_entity_src_gen.pdbx_host_org_tissue_fraction      ? 
_entity_src_gen.pdbx_host_org_strain               ? 
_entity_src_gen.pdbx_host_org_variant              ? 
_entity_src_gen.pdbx_host_org_cell_line            ? 
_entity_src_gen.pdbx_host_org_atcc                 ? 
_entity_src_gen.pdbx_host_org_culture_collection   ? 
_entity_src_gen.pdbx_host_org_cell                 ? 
_entity_src_gen.pdbx_host_org_organelle            ? 
_entity_src_gen.pdbx_host_org_cellular_location    ? 
_entity_src_gen.pdbx_host_org_vector_type          ? 
_entity_src_gen.pdbx_host_org_vector               ? 
_entity_src_gen.host_org_details                   ? 
_entity_src_gen.expression_system_id               ? 
_entity_src_gen.plasmid_name                       ? 
_entity_src_gen.plasmid_details                    ? 
_entity_src_gen.pdbx_description                   ? 
# 
loop_
_chem_comp.id 
_chem_comp.type 
_chem_comp.mon_nstd_flag 
_chem_comp.name 
_chem_comp.pdbx_synonyms 
_chem_comp.formula 
_chem_comp.formula_weight 
ALA 'L-peptide linking' y ALANINE         ? 'C3 H7 N O2'     89.093  
ARG 'L-peptide linking' y ARGININE        ? 'C6 H15 N4 O2 1' 175.209 
ASN 'L-peptide linking' y ASPARAGINE      ? 'C4 H8 N2 O3'    132.118 
ASP 'L-peptide linking' y 'ASPARTIC ACID' ? 'C4 H7 N O4'     133.103 
GLN 'L-peptide linking' y GLUTAMINE       ? 'C5 H10 N2 O3'   146.144 
GLU 'L-peptide linking' y 'GLUTAMIC ACID' ? 'C5 H9 N O4'     147.129 
GLY 'peptide linking'   y GLYCINE         ? 'C2 H5 N O2'     75.067  
HIS 'L-peptide linking' y HISTIDINE       ? 'C6 H10 N3 O2 1' 156.162 
ILE 'L-peptide linking' y ISOLEUCINE      ? 'C6 H13 N O2'    131.173 
LEU 'L-peptide linking' y LEUCINE         ? 'C6 H13 N O2'    131.173 
LYS 'L-peptide linking' y LYSINE          ? 'C6 H15 N2 O2 1' 147.195 
MET 'L-peptide linking' y METHIONINE      ? 'C5 H11 N O2 S'  149.211 
PHE 'L-peptide linking' y PHENYLALANINE   ? 'C9 H11 N O2'    165.189 
PRO 'L-peptide linking' y PROLINE         ? 'C5 H9 N O2'     115.130 
SER 'L-peptide linking' y SERINE          ? 'C3 H7 N O3'     105.093 
TYR 'L-peptide linking' y TYROSINE        ? 'C9 H11 N O3'    181.189 
VAL 'L-peptide linking' y VALINE          ? 'C5 H11 N O2'    117.146 
# 
loop_
_pdbx_poly_seq_scheme.asym_id 
_pdbx_poly_seq_scheme.entity_id 
_pdbx_poly_seq_scheme.seq_id 
_pdbx_poly_seq_scheme.mon_id 
_pdbx_poly_seq_scheme.ndb_seq_num 
_pdbx_poly_seq_scheme.pdb_seq_num 
_pdbx_poly_seq_scheme.auth_seq_num 
_pdbx_poly_seq_scheme.pdb_mon_id 
_pdbx_poly_seq_scheme.auth_mon_id 
_pdbx_poly_seq_scheme.pdb_strand_id 
_pdbx_poly_seq_scheme.pdb_ins_code 
_pdbx_poly_seq_scheme.hetero 
A 1 1  ALA 1  1  1  ALA ALA A . n 
A 1 2  GLN 2  2  2  GLN GLN A . n 
A 1 3  HIS 3  3  3  HIS HIS A . n 
A 1 4  ASP 4  4  4  ASP ASP A . n 
A 1 5  GLU 5  5  5  GLU GLU A . n 
A 1 6  ALA 6  6  6  ALA ALA A . n 
A 1 7  GLN 7  7  7  GLN GLN A . n 
A 1 8  GLN 8  8  8  GLN GLN A . n 
A 1 9  ASN 9  9  9  ASN ASN A . n 
A 1 10 ALA 10 10 10 ALA ALA A . n 
A 1 11 PHE 11 11 11 PHE PHE A . n 
A 1 12 TYR 12 12 12 TYR TYR A . n 
A 1 13 GLN 13 13 13 GLN GLN A . n 
A 1 14 VAL 14 14 14 VAL VAL A . n 
A 1 15 LEU 15 15 15 LEU LEU A . n 
A 1 16 ASN 16 16 16 ASN ASN A . n 
A 1 17 MET 17 17 17 MET MET A . n 
A 1 18 PRO 18 18 18 PRO PRO A . n 
A 1 19 ASN 19 19 19 ASN ASN A . n 
A 1 20 LEU 20 20 20 LEU LEU A . n 
A 1 21 ASN 21 21 21 ASN ASN A . n 
A 1 22 ALA 22 22 22 ALA ALA A . n 
A 1 23 ASP 23 23 23 ASP ASP A . n 
A 1 24 GLN 24 24 24 GLN GLN A . n 
A 1 25 ARG 25 25 25 ARG ARG A . n 
A 1 26 ASN 26 26 26 ASN ASN A . n 
A 1 27 GLY 27 27 27 GLY GLY A . n 
A 1 28 PHE 28 28 28 PHE PHE A . n 
A 1 29 ILE 29 29 29 ILE ILE A . n 
A 1 30 GLN 30 30 30 GLN GLN A . n 
A 1 31 SER 31 31 31 SER SER A . n 
A 1 32 LEU 32 32 32 LEU LEU A . n 
A 1 33 LYS 33 33 33 LYS LYS A . n 
A 1 34 ASP 34 34 34 ASP ASP A . n 
A 1 35 ASP 35 35 35 ASP ASP A . n 
A 1 36 PRO 36 36 36 PRO PRO A . n 
A 1 37 SER 37 37 37 SER SER A . n 
A 1 38 GLN 38 38 38 GLN GLN A . n 
A 1 39 SER 39 39 39 SER SER A . n 
A 1 40 ALA 40 40 40 ALA ALA A . n 
A 1 41 ASN 41 41 41 ASN ASN A . n 
A 1 42 VAL 42 42 42 VAL VAL A . n 
A 1 43 LEU 43 43 43 LEU LEU A . n 
A 1 44 GLY 44 44 44 GLY GLY A . n 
A 1 45 GLU 45 45 45 GLU GLU A . n 
A 1 46 ALA 46 46 46 ALA ALA A . n 
A 1 47 GLN 47 47 47 GLN GLN A . n 
A 1 48 LYS 48 48 48 LYS LYS A . n 
A 1 49 LEU 49 49 49 LEU LEU A . n 
A 1 50 ASN 50 50 50 ASN ASN A . n 
A 1 51 ASP 51 51 51 ASP ASP A . n 
A 1 52 SER 52 52 52 SER SER A . n 
A 1 53 GLN 53 53 53 GLN GLN A . n 
A 1 54 ALA 54 54 54 ALA ALA A . n 
A 1 55 PRO 55 55 55 PRO PRO A . n 
A 1 56 LYS 56 56 56 LYS LYS A . n 
# 
_software.name             AMBER 
_software.classification   refinement 
_software.version          . 
_software.citation_id      ? 
_software.pdbx_ordinal     1 
# 
_cell.entry_id           1EDI 
_cell.length_a           1.000 
_cell.length_b           1.000 
_cell.length_c           1.000 
_cell.angle_alpha        90.00 
_cell.angle_beta         90.00 
_cell.angle_gamma        90.00 
_cell.Z_PDB              1 
_cell.pdbx_unique_axis   ? 
# 
_symmetry.entry_id                         1EDI 
_symmetry.space_group_name_H-M             'P 1' 
_symmetry.pdbx_full_space_group_name_H-M   ? 
_symmetry.cell_setting                     ? 
_symmetry.Int_Tables_number                1 
# 
_exptl.entry_id          1EDI 
_exptl.method            'SOLUTION NMR' 
_exptl.crystals_number   ? 
# 
_struct.entry_id                  1EDI 
_struct.title                     'STAPHYLOCOCCAL PROTEIN A E-DOMAIN (180), NMR, MINIMIZED AVERAGE STRUCTURE' 
_struct.pdbx_model_details        ? 
_struct.pdbx_CASP_flag            ? 
_struct.pdbx_model_type_details   ? 
# 
_struct_keywords.entry_id        1EDI 
_struct_keywords.pdbx_keywords   'IMMUNOGLOBULIN-BINDING PROTEIN' 
_struct_keywords.text            'IMMUNOGLOBULIN-BINDING PROTEIN, TRANSMEMBRANE, CELL WALL, IGG-BINDING PROTEIN' 
# 
_struct_asym.id                            A 
_struct_asym.pdbx_blank_PDB_chainid_flag   Y 
_struct_asym.pdbx_modified                 N 
_struct_asym.entity_id                     1 
_struct_asym.details                       ? 
# 
_struct_ref.id                         1 
_struct_ref.db_name                    UNP 
_struct_ref.db_code                    SPA2_STAAU 
_struct_ref.entity_id                  1 
_struct_ref.pdbx_db_accession          P38507 
_struct_ref.pdbx_align_begin           1 
_struct_ref.pdbx_seq_one_letter_code   
;MKKKNIYSIRKLGVGIASVTLGTLLISGGVTPAANAAQHDEAQQNAFYQVLNMPNLNADQRNGFIQSLKDDPSQSANVLG
EAQKLNDSQAPKADAQQNKFNKDQQSAFYEILNMPNLNEEQRNGFIQSLKDDPSQSTNVLGEAKKLNESQAPKADNNFNK
EQQNAFYEILNMPNLNEEQRNGFIQSLKDDPSQSANLLAEAKKLNESQAPKADNKFNKEQQNAFYEILHLPNLNEEQRNG
FIQSLKDDPSQSANLLAEAKKLNDAQAPKADNKFNKEQQNAFYEILHLPNLTEEQRNGFIQSLKDDPSVSKEILAEAKKL
NDAQAPKEEDNNKPGKEDGNKPGKEDGNKPGKEDNKKPGKEDGNKPGKEDNKKPGKEDGNKPGKEDGNKPGKEDGNKPGK
EDGNKPGKEDGNGVHVVKPGDTVNDIAKANGTTADKIAADNKLADKNMIKPGQELVVDKKQPANHADANKAQALPETGEE
NPFIGTTVFGGLSLALGAALLAGRRREL
;
_struct_ref.pdbx_db_isoform            ? 
# 
_struct_ref_seq.align_id                      1 
_struct_ref_seq.ref_id                        1 
_struct_ref_seq.pdbx_PDB_id_code              1EDI 
_struct_ref_seq.pdbx_strand_id                A 
_struct_ref_seq.seq_align_beg                 1 
_struct_ref_seq.pdbx_seq_align_beg_ins_code   ? 
_struct_ref_seq.seq_align_end                 56 
_struct_ref_seq.pdbx_seq_align_end_ins_code   ? 
_struct_ref_seq.pdbx_db_accession             P38507 
_struct_ref_seq.db_align_beg                  37 
_struct_ref_seq.pdbx_db_align_beg_ins_code    ? 
_struct_ref_seq.db_align_end                  92 
_struct_ref_seq.pdbx_db_align_end_ins_code    ? 
_struct_ref_seq.pdbx_auth_seq_align_beg       1 
_struct_ref_seq.pdbx_auth_seq_align_end       56 
# 
_pdbx_struct_assembly.id                   1 
_pdbx_struct_assembly.details              author_defined_assembly 
_pdbx_struct_assembly.method_details       ? 
_pdbx_struct_assembly.oligomeric_details   monomeric 
_pdbx_struct_assembly.oligomeric_count     1 
# 
_pdbx_struct_assembly_gen.assembly_id       1 
_pdbx_struct_assembly_gen.oper_expression   1 
_pdbx_struct_assembly_gen.asym_id_list      A 
# 
_pdbx_struct_oper_list.id                   1 
_pdbx_struct_oper_list.type                 'identity operation' 
_pdbx_struct_oper_list.name                 1_555 
_pdbx_struct_oper_list.symmetry_operation   x,y,z 
_pdbx_struct_oper_list.matrix[1][1]         1.0000000000 
_pdbx_struct_oper_list.matrix[1][2]         0.0000000000 
_pdbx_struct_oper_list.matrix[1][3]         0.0000000000 
_pdbx_struct_oper_list.vector[1]            0.0000000000 
_pdbx_struct_oper_list.matrix[2][1]         0.0000000000 
_pdbx_struct_oper_list.matrix[2][2]         1.0000000000 
_pdbx_struct_oper_list.matrix[2][3]         0.0000000000 
_pdbx_struct_oper_list.vector[2]            0.0000000000 
_pdbx_struct_oper_list.matrix[3][1]         0.0000000000 
_pdbx_struct_oper_list.matrix[3][2]         0.0000000000 
_pdbx_struct_oper_list.matrix[3][3]         1.0000000000 
_pdbx_struct_oper_list.vector[3]            0.0000000000 
# 
_struct_biol.id   1 
# 
loop_
_struct_conf.conf_type_id 
_struct_conf.id 
_struct_conf.pdbx_PDB_helix_id 
_struct_conf.beg_label_comp_id 
_struct_conf.beg_label_asym_id 
_struct_conf.beg_label_seq_id 
_struct_conf.pdbx_beg_PDB_ins_code 
_struct_conf.end_label_comp_id 
_struct_conf.end_label_asym_id 
_struct_conf.end_label_seq_id 
_struct_conf.pdbx_end_PDB_ins_code 
_struct_conf.beg_auth_comp_id 
_struct_conf.beg_auth_asym_id 
_struct_conf.beg_auth_seq_id 
_struct_conf.end_auth_comp_id 
_struct_conf.end_auth_asym_id 
_struct_conf.end_auth_seq_id 
_struct_conf.pdbx_PDB_helix_class 
_struct_conf.details 
_struct_conf.pdbx_PDB_helix_length 
HELX_P HELX_P1 H1 GLN A 8  ? LEU A 15 ? GLN A 8  LEU A 15 1 ? 8  
HELX_P HELX_P2 H2 ALA A 22 ? ASP A 34 ? ALA A 22 ASP A 34 1 ? 13 
HELX_P HELX_P3 H3 SER A 39 ? SER A 52 ? SER A 39 SER A 52 1 ? 14 
# 
_struct_conf_type.id          HELX_P 
_struct_conf_type.criteria    ? 
_struct_conf_type.reference   ? 
# 
loop_
_pdbx_validate_torsion.id 
_pdbx_validate_torsion.PDB_model_num 
_pdbx_validate_torsion.auth_comp_id 
_pdbx_validate_torsion.auth_asym_id 
_pdbx_validate_torsion.auth_seq_id 
_pdbx_validate_torsion.PDB_ins_code 
_pdbx_validate_torsion.label_alt_id 
_pdbx_validate_torsion.phi 
_pdbx_validate_torsion.psi 
1 1 HIS A 3  ? ? 166.83  -150.76 
2 1 ASP A 35 ? ? -118.64 77.64   
3 1 GLN A 38 ? ? -89.83  39.85   
# 
_pdbx_nmr_ensemble.entry_id                             1EDI 
_pdbx_nmr_ensemble.conformers_calculated_total_number   50 
_pdbx_nmr_ensemble.conformers_submitted_total_number    1 
_pdbx_nmr_ensemble.conformer_selection_criteria         'LOWEST RESTRAINT VIOLATION ENERGY' 
# 
_pdbx_nmr_exptl_sample_conditions.conditions_id       1 
_pdbx_nmr_exptl_sample_conditions.temperature         298 
_pdbx_nmr_exptl_sample_conditions.pressure            ? 
_pdbx_nmr_exptl_sample_conditions.pH                  5.7 
_pdbx_nmr_exptl_sample_conditions.ionic_strength      ? 
_pdbx_nmr_exptl_sample_conditions.pressure_units      . 
_pdbx_nmr_exptl_sample_conditions.temperature_units   K 
# 
loop_
_pdbx_nmr_exptl.experiment_id 
_pdbx_nmr_exptl.conditions_id 
_pdbx_nmr_exptl.type 
_pdbx_nmr_exptl.solution_id 
1 1 '2D COSY'  1 
2 1 TOCSY      1 
3 1 NOESY      1 
4 1 2Q         1 
5 1 COSY-35    1 
6 1 HSQC       1 
7 1 TOCSY-HSQC 1 
# 
_pdbx_nmr_refine.entry_id           1EDI 
_pdbx_nmr_refine.method             'DG FOLLOWED BY RESTRAINED MOLECULAR DYNAMICS' 
_pdbx_nmr_refine.details            ? 
_pdbx_nmr_refine.software_ordinal   1 
# 
loop_
_pdbx_nmr_software.classification 
_pdbx_nmr_software.name 
_pdbx_nmr_software.version 
_pdbx_nmr_software.authors 
_pdbx_nmr_software.ordinal 
refinement           Discover            ?          BIOSYM 1 
'structure solution' DGII                ?          ?      2 
'structure solution' 'DISCOVER (BIOSYM)' '(BIOSYM)' ?      3 
# 
loop_
_chem_comp_atom.comp_id 
_chem_comp_atom.atom_id 
_chem_comp_atom.type_symbol 
_chem_comp_atom.pdbx_aromatic_flag 
_chem_comp_atom.pdbx_stereo_config 
_chem_comp_atom.pdbx_ordinal 
ALA N    N N N 1   
ALA CA   C N S 2   
ALA C    C N N 3   
ALA O    O N N 4   
ALA CB   C N N 5   
ALA OXT  O N N 6   
ALA H    H N N 7   
ALA H2   H N N 8   
ALA HA   H N N 9   
ALA HB1  H N N 10  
ALA HB2  H N N 11  
ALA HB3  H N N 12  
ALA HXT  H N N 13  
ARG N    N N N 14  
ARG CA   C N S 15  
ARG C    C N N 16  
ARG O    O N N 17  
ARG CB   C N N 18  
ARG CG   C N N 19  
ARG CD   C N N 20  
ARG NE   N N N 21  
ARG CZ   C N N 22  
ARG NH1  N N N 23  
ARG NH2  N N N 24  
ARG OXT  O N N 25  
ARG H    H N N 26  
ARG H2   H N N 27  
ARG HA   H N N 28  
ARG HB2  H N N 29  
ARG HB3  H N N 30  
ARG HG2  H N N 31  
ARG HG3  H N N 32  
ARG HD2  H N N 33  
ARG HD3  H N N 34  
ARG HE   H N N 35  
ARG HH11 H N N 36  
ARG HH12 H N N 37  
ARG HH21 H N N 38  
ARG HH22 H N N 39  
ARG HXT  H N N 40  
ASN N    N N N 41  
ASN CA   C N S 42  
ASN C    C N N 43  
ASN O    O N N 44  
ASN CB   C N N 45  
ASN CG   C N N 46  
ASN OD1  O N N 47  
ASN ND2  N N N 48  
ASN OXT  O N N 49  
ASN H    H N N 50  
ASN H2   H N N 51  
ASN HA   H N N 52  
ASN HB2  H N N 53  
ASN HB3  H N N 54  
ASN HD21 H N N 55  
ASN HD22 H N N 56  
ASN HXT  H N N 57  
ASP N    N N N 58  
ASP CA   C N S 59  
ASP C    C N N 60  
ASP O    O N N 61  
ASP CB   C N N 62  
ASP CG   C N N 63  
ASP OD1  O N N 64  
ASP OD2  O N N 65  
ASP OXT  O N N 66  
ASP H    H N N 67  
ASP H2   H N N 68  
ASP HA   H N N 69  
ASP HB2  H N N 70  
ASP HB3  H N N 71  
ASP HD2  H N N 72  
ASP HXT  H N N 73  
GLN N    N N N 74  
GLN CA   C N S 75  
GLN C    C N N 76  
GLN O    O N N 77  
GLN CB   C N N 78  
GLN CG   C N N 79  
GLN CD   C N N 80  
GLN OE1  O N N 81  
GLN NE2  N N N 82  
GLN OXT  O N N 83  
GLN H    H N N 84  
GLN H2   H N N 85  
GLN HA   H N N 86  
GLN HB2  H N N 87  
GLN HB3  H N N 88  
GLN HG2  H N N 89  
GLN HG3  H N N 90  
GLN HE21 H N N 91  
GLN HE22 H N N 92  
GLN HXT  H N N 93  
GLU N    N N N 94  
GLU CA   C N S 95  
GLU C    C N N 96  
GLU O    O N N 97  
GLU CB   C N N 98  
GLU CG   C N N 99  
GLU CD   C N N 100 
GLU OE1  O N N 101 
GLU OE2  O N N 102 
GLU OXT  O N N 103 
GLU H    H N N 104 
GLU H2   H N N 105 
GLU HA   H N N 106 
GLU HB2  H N N 107 
GLU HB3  H N N 108 
GLU HG2  H N N 109 
GLU HG3  H N N 110 
GLU HE2  H N N 111 
GLU HXT  H N N 112 
GLY N    N N N 113 
GLY CA   C N N 114 
GLY C    C N N 115 
GLY O    O N N 116 
GLY OXT  O N N 117 
GLY H    H N N 118 
GLY H2   H N N 119 
GLY HA2  H N N 120 
GLY HA3  H N N 121 
GLY HXT  H N N 122 
HIS N    N N N 123 
HIS CA   C N S 124 
HIS C    C N N 125 
HIS O    O N N 126 
HIS CB   C N N 127 
HIS CG   C Y N 128 
HIS ND1  N Y N 129 
HIS CD2  C Y N 130 
HIS CE1  C Y N 131 
HIS NE2  N Y N 132 
HIS OXT  O N N 133 
HIS H    H N N 134 
HIS H2   H N N 135 
HIS HA   H N N 136 
HIS HB2  H N N 137 
HIS HB3  H N N 138 
HIS HD1  H N N 139 
HIS HD2  H N N 140 
HIS HE1  H N N 141 
HIS HE2  H N N 142 
HIS HXT  H N N 143 
ILE N    N N N 144 
ILE CA   C N S 145 
ILE C    C N N 146 
ILE O    O N N 147 
ILE CB   C N S 148 
ILE CG1  C N N 149 
ILE CG2  C N N 150 
ILE CD1  C N N 151 
ILE OXT  O N N 152 
ILE H    H N N 153 
ILE H2   H N N 154 
ILE HA   H N N 155 
ILE HB   H N N 156 
ILE HG12 H N N 157 
ILE HG13 H N N 158 
ILE HG21 H N N 159 
ILE HG22 H N N 160 
ILE HG23 H N N 161 
ILE HD11 H N N 162 
ILE HD12 H N N 163 
ILE HD13 H N N 164 
ILE HXT  H N N 165 
LEU N    N N N 166 
LEU CA   C N S 167 
LEU C    C N N 168 
LEU O    O N N 169 
LEU CB   C N N 170 
LEU CG   C N N 171 
LEU CD1  C N N 172 
LEU CD2  C N N 173 
LEU OXT  O N N 174 
LEU H    H N N 175 
LEU H2   H N N 176 
LEU HA   H N N 177 
LEU HB2  H N N 178 
LEU HB3  H N N 179 
LEU HG   H N N 180 
LEU HD11 H N N 181 
LEU HD12 H N N 182 
LEU HD13 H N N 183 
LEU HD21 H N N 184 
LEU HD22 H N N 185 
LEU HD23 H N N 186 
LEU HXT  H N N 187 
LYS N    N N N 188 
LYS CA   C N S 189 
LYS C    C N N 190 
LYS O    O N N 191 
LYS CB   C N N 192 
LYS CG   C N N 193 
LYS CD   C N N 194 
LYS CE   C N N 195 
LYS NZ   N N N 196 
LYS OXT  O N N 197 
LYS H    H N N 198 
LYS H2   H N N 199 
LYS HA   H N N 200 
LYS HB2  H N N 201 
LYS HB3  H N N 202 
LYS HG2  H N N 203 
LYS HG3  H N N 204 
LYS HD2  H N N 205 
LYS HD3  H N N 206 
LYS HE2  H N N 207 
LYS HE3  H N N 208 
LYS HZ1  H N N 209 
LYS HZ2  H N N 210 
LYS HZ3  H N N 211 
LYS HXT  H N N 212 
MET N    N N N 213 
MET CA   C N S 214 
MET C    C N N 215 
MET O    O N N 216 
MET CB   C N N 217 
MET CG   C N N 218 
MET SD   S N N 219 
MET CE   C N N 220 
MET OXT  O N N 221 
MET H    H N N 222 
MET H2   H N N 223 
MET HA   H N N 224 
MET HB2  H N N 225 
MET HB3  H N N 226 
MET HG2  H N N 227 
MET HG3  H N N 228 
MET HE1  H N N 229 
MET HE2  H N N 230 
MET HE3  H N N 231 
MET HXT  H N N 232 
PHE N    N N N 233 
PHE CA   C N S 234 
PHE C    C N N 235 
PHE O    O N N 236 
PHE CB   C N N 237 
PHE CG   C Y N 238 
PHE CD1  C Y N 239 
PHE CD2  C Y N 240 
PHE CE1  C Y N 241 
PHE CE2  C Y N 242 
PHE CZ   C Y N 243 
PHE OXT  O N N 244 
PHE H    H N N 245 
PHE H2   H N N 246 
PHE HA   H N N 247 
PHE HB2  H N N 248 
PHE HB3  H N N 249 
PHE HD1  H N N 250 
PHE HD2  H N N 251 
PHE HE1  H N N 252 
PHE HE2  H N N 253 
PHE HZ   H N N 254 
PHE HXT  H N N 255 
PRO N    N N N 256 
PRO CA   C N S 257 
PRO C    C N N 258 
PRO O    O N N 259 
PRO CB   C N N 260 
PRO CG   C N N 261 
PRO CD   C N N 262 
PRO OXT  O N N 263 
PRO H    H N N 264 
PRO HA   H N N 265 
PRO HB2  H N N 266 
PRO HB3  H N N 267 
PRO HG2  H N N 268 
PRO HG3  H N N 269 
PRO HD2  H N N 270 
PRO HD3  H N N 271 
PRO HXT  H N N 272 
SER N    N N N 273 
SER CA   C N S 274 
SER C    C N N 275 
SER O    O N N 276 
SER CB   C N N 277 
SER OG   O N N 278 
SER OXT  O N N 279 
SER H    H N N 280 
SER H2   H N N 281 
SER HA   H N N 282 
SER HB2  H N N 283 
SER HB3  H N N 284 
SER HG   H N N 285 
SER HXT  H N N 286 
TYR N    N N N 287 
TYR CA   C N S 288 
TYR C    C N N 289 
TYR O    O N N 290 
TYR CB   C N N 291 
TYR CG   C Y N 292 
TYR CD1  C Y N 293 
TYR CD2  C Y N 294 
TYR CE1  C Y N 295 
TYR CE2  C Y N 296 
TYR CZ   C Y N 297 
TYR OH   O N N 298 
TYR OXT  O N N 299 
TYR H    H N N 300 
TYR H2   H N N 301 
TYR HA   H N N 302 
TYR HB2  H N N 303 
TYR HB3  H N N 304 
TYR HD1  H N N 305 
TYR HD2  H N N 306 
TYR HE1  H N N 307 
TYR HE2  H N N 308 
TYR HH   H N N 309 
TYR HXT  H N N 310 
VAL N    N N N 311 
VAL CA   C N S 312 
VAL C    C N N 313 
VAL O    O N N 314 
VAL CB   C N N 315 
VAL CG1  C N N 316 
VAL CG2  C N N 317 
VAL OXT  O N N 318 
VAL H    H N N 319 
VAL H2   H N N 320 
VAL HA   H N N 321 
VAL HB   H N N 322 
VAL HG11 H N N 323 
VAL HG12 H N N 324 
VAL HG13 H N N 325 
VAL HG21 H N N 326 
VAL HG22 H N N 327 
VAL HG23 H N N 328 
VAL HXT  H N N 329 
# 
loop_
_chem_comp_bond.comp_id 
_chem_comp_bond.atom_id_1 
_chem_comp_bond.atom_id_2 
_chem_comp_bond.value_order 
_chem_comp_bond.pdbx_aromatic_flag 
_chem_comp_bond.pdbx_stereo_config 
_chem_comp_bond.pdbx_ordinal 
ALA N   CA   sing N N 1   
ALA N   H    sing N N 2   
ALA N   H2   sing N N 3   
ALA CA  C    sing N N 4   
ALA CA  CB   sing N N 5   
ALA CA  HA   sing N N 6   
ALA C   O    doub N N 7   
ALA C   OXT  sing N N 8   
ALA CB  HB1  sing N N 9   
ALA CB  HB2  sing N N 10  
ALA CB  HB3  sing N N 11  
ALA OXT HXT  sing N N 12  
ARG N   CA   sing N N 13  
ARG N   H    sing N N 14  
ARG N   H2   sing N N 15  
ARG CA  C    sing N N 16  
ARG CA  CB   sing N N 17  
ARG CA  HA   sing N N 18  
ARG C   O    doub N N 19  
ARG C   OXT  sing N N 20  
ARG CB  CG   sing N N 21  
ARG CB  HB2  sing N N 22  
ARG CB  HB3  sing N N 23  
ARG CG  CD   sing N N 24  
ARG CG  HG2  sing N N 25  
ARG CG  HG3  sing N N 26  
ARG CD  NE   sing N N 27  
ARG CD  HD2  sing N N 28  
ARG CD  HD3  sing N N 29  
ARG NE  CZ   sing N N 30  
ARG NE  HE   sing N N 31  
ARG CZ  NH1  sing N N 32  
ARG CZ  NH2  doub N N 33  
ARG NH1 HH11 sing N N 34  
ARG NH1 HH12 sing N N 35  
ARG NH2 HH21 sing N N 36  
ARG NH2 HH22 sing N N 37  
ARG OXT HXT  sing N N 38  
ASN N   CA   sing N N 39  
ASN N   H    sing N N 40  
ASN N   H2   sing N N 41  
ASN CA  C    sing N N 42  
ASN CA  CB   sing N N 43  
ASN CA  HA   sing N N 44  
ASN C   O    doub N N 45  
ASN C   OXT  sing N N 46  
ASN CB  CG   sing N N 47  
ASN CB  HB2  sing N N 48  
ASN CB  HB3  sing N N 49  
ASN CG  OD1  doub N N 50  
ASN CG  ND2  sing N N 51  
ASN ND2 HD21 sing N N 52  
ASN ND2 HD22 sing N N 53  
ASN OXT HXT  sing N N 54  
ASP N   CA   sing N N 55  
ASP N   H    sing N N 56  
ASP N   H2   sing N N 57  
ASP CA  C    sing N N 58  
ASP CA  CB   sing N N 59  
ASP CA  HA   sing N N 60  
ASP C   O    doub N N 61  
ASP C   OXT  sing N N 62  
ASP CB  CG   sing N N 63  
ASP CB  HB2  sing N N 64  
ASP CB  HB3  sing N N 65  
ASP CG  OD1  doub N N 66  
ASP CG  OD2  sing N N 67  
ASP OD2 HD2  sing N N 68  
ASP OXT HXT  sing N N 69  
GLN N   CA   sing N N 70  
GLN N   H    sing N N 71  
GLN N   H2   sing N N 72  
GLN CA  C    sing N N 73  
GLN CA  CB   sing N N 74  
GLN CA  HA   sing N N 75  
GLN C   O    doub N N 76  
GLN C   OXT  sing N N 77  
GLN CB  CG   sing N N 78  
GLN CB  HB2  sing N N 79  
GLN CB  HB3  sing N N 80  
GLN CG  CD   sing N N 81  
GLN CG  HG2  sing N N 82  
GLN CG  HG3  sing N N 83  
GLN CD  OE1  doub N N 84  
GLN CD  NE2  sing N N 85  
GLN NE2 HE21 sing N N 86  
GLN NE2 HE22 sing N N 87  
GLN OXT HXT  sing N N 88  
GLU N   CA   sing N N 89  
GLU N   H    sing N N 90  
GLU N   H2   sing N N 91  
GLU CA  C    sing N N 92  
GLU CA  CB   sing N N 93  
GLU CA  HA   sing N N 94  
GLU C   O    doub N N 95  
GLU C   OXT  sing N N 96  
GLU CB  CG   sing N N 97  
GLU CB  HB2  sing N N 98  
GLU CB  HB3  sing N N 99  
GLU CG  CD   sing N N 100 
GLU CG  HG2  sing N N 101 
GLU CG  HG3  sing N N 102 
GLU CD  OE1  doub N N 103 
GLU CD  OE2  sing N N 104 
GLU OE2 HE2  sing N N 105 
GLU OXT HXT  sing N N 106 
GLY N   CA   sing N N 107 
GLY N   H    sing N N 108 
GLY N   H2   sing N N 109 
GLY CA  C    sing N N 110 
GLY CA  HA2  sing N N 111 
GLY CA  HA3  sing N N 112 
GLY C   O    doub N N 113 
GLY C   OXT  sing N N 114 
GLY OXT HXT  sing N N 115 
HIS N   CA   sing N N 116 
HIS N   H    sing N N 117 
HIS N   H2   sing N N 118 
HIS CA  C    sing N N 119 
HIS CA  CB   sing N N 120 
HIS CA  HA   sing N N 121 
HIS C   O    doub N N 122 
HIS C   OXT  sing N N 123 
HIS CB  CG   sing N N 124 
HIS CB  HB2  sing N N 125 
HIS CB  HB3  sing N N 126 
HIS CG  ND1  sing Y N 127 
HIS CG  CD2  doub Y N 128 
HIS ND1 CE1  doub Y N 129 
HIS ND1 HD1  sing N N 130 
HIS CD2 NE2  sing Y N 131 
HIS CD2 HD2  sing N N 132 
HIS CE1 NE2  sing Y N 133 
HIS CE1 HE1  sing N N 134 
HIS NE2 HE2  sing N N 135 
HIS OXT HXT  sing N N 136 
ILE N   CA   sing N N 137 
ILE N   H    sing N N 138 
ILE N   H2   sing N N 139 
ILE CA  C    sing N N 140 
ILE CA  CB   sing N N 141 
ILE CA  HA   sing N N 142 
ILE C   O    doub N N 143 
ILE C   OXT  sing N N 144 
ILE CB  CG1  sing N N 145 
ILE CB  CG2  sing N N 146 
ILE CB  HB   sing N N 147 
ILE CG1 CD1  sing N N 148 
ILE CG1 HG12 sing N N 149 
ILE CG1 HG13 sing N N 150 
ILE CG2 HG21 sing N N 151 
ILE CG2 HG22 sing N N 152 
ILE CG2 HG23 sing N N 153 
ILE CD1 HD11 sing N N 154 
ILE CD1 HD12 sing N N 155 
ILE CD1 HD13 sing N N 156 
ILE OXT HXT  sing N N 157 
LEU N   CA   sing N N 158 
LEU N   H    sing N N 159 
LEU N   H2   sing N N 160 
LEU CA  C    sing N N 161 
LEU CA  CB   sing N N 162 
LEU CA  HA   sing N N 163 
LEU C   O    doub N N 164 
LEU C   OXT  sing N N 165 
LEU CB  CG   sing N N 166 
LEU CB  HB2  sing N N 167 
LEU CB  HB3  sing N N 168 
LEU CG  CD1  sing N N 169 
LEU CG  CD2  sing N N 170 
LEU CG  HG   sing N N 171 
LEU CD1 HD11 sing N N 172 
LEU CD1 HD12 sing N N 173 
LEU CD1 HD13 sing N N 174 
LEU CD2 HD21 sing N N 175 
LEU CD2 HD22 sing N N 176 
LEU CD2 HD23 sing N N 177 
LEU OXT HXT  sing N N 178 
LYS N   CA   sing N N 179 
LYS N   H    sing N N 180 
LYS N   H2   sing N N 181 
LYS CA  C    sing N N 182 
LYS CA  CB   sing N N 183 
LYS CA  HA   sing N N 184 
LYS C   O    doub N N 185 
LYS C   OXT  sing N N 186 
LYS CB  CG   sing N N 187 
LYS CB  HB2  sing N N 188 
LYS CB  HB3  sing N N 189 
LYS CG  CD   sing N N 190 
LYS CG  HG2  sing N N 191 
LYS CG  HG3  sing N N 192 
LYS CD  CE   sing N N 193 
LYS CD  HD2  sing N N 194 
LYS CD  HD3  sing N N 195 
LYS CE  NZ   sing N N 196 
LYS CE  HE2  sing N N 197 
LYS CE  HE3  sing N N 198 
LYS NZ  HZ1  sing N N 199 
LYS NZ  HZ2  sing N N 200 
LYS NZ  HZ3  sing N N 201 
LYS OXT HXT  sing N N 202 
MET N   CA   sing N N 203 
MET N   H    sing N N 204 
MET N   H2   sing N N 205 
MET CA  C    sing N N 206 
MET CA  CB   sing N N 207 
MET CA  HA   sing N N 208 
MET C   O    doub N N 209 
MET C   OXT  sing N N 210 
MET CB  CG   sing N N 211 
MET CB  HB2  sing N N 212 
MET CB  HB3  sing N N 213 
MET CG  SD   sing N N 214 
MET CG  HG2  sing N N 215 
MET CG  HG3  sing N N 216 
MET SD  CE   sing N N 217 
MET CE  HE1  sing N N 218 
MET CE  HE2  sing N N 219 
MET CE  HE3  sing N N 220 
MET OXT HXT  sing N N 221 
PHE N   CA   sing N N 222 
PHE N   H    sing N N 223 
PHE N   H2   sing N N 224 
PHE CA  C    sing N N 225 
PHE CA  CB   sing N N 226 
PHE CA  HA   sing N N 227 
PHE C   O    doub N N 228 
PHE C   OXT  sing N N 229 
PHE CB  CG   sing N N 230 
PHE CB  HB2  sing N N 231 
PHE CB  HB3  sing N N 232 
PHE CG  CD1  doub Y N 233 
PHE CG  CD2  sing Y N 234 
PHE CD1 CE1  sing Y N 235 
PHE CD1 HD1  sing N N 236 
PHE CD2 CE2  doub Y N 237 
PHE CD2 HD2  sing N N 238 
PHE CE1 CZ   doub Y N 239 
PHE CE1 HE1  sing N N 240 
PHE CE2 CZ   sing Y N 241 
PHE CE2 HE2  sing N N 242 
PHE CZ  HZ   sing N N 243 
PHE OXT HXT  sing N N 244 
PRO N   CA   sing N N 245 
PRO N   CD   sing N N 246 
PRO N   H    sing N N 247 
PRO CA  C    sing N N 248 
PRO CA  CB   sing N N 249 
PRO CA  HA   sing N N 250 
PRO C   O    doub N N 251 
PRO C   OXT  sing N N 252 
PRO CB  CG   sing N N 253 
PRO CB  HB2  sing N N 254 
PRO CB  HB3  sing N N 255 
PRO CG  CD   sing N N 256 
PRO CG  HG2  sing N N 257 
PRO CG  HG3  sing N N 258 
PRO CD  HD2  sing N N 259 
PRO CD  HD3  sing N N 260 
PRO OXT HXT  sing N N 261 
SER N   CA   sing N N 262 
SER N   H    sing N N 263 
SER N   H2   sing N N 264 
SER CA  C    sing N N 265 
SER CA  CB   sing N N 266 
SER CA  HA   sing N N 267 
SER C   O    doub N N 268 
SER C   OXT  sing N N 269 
SER CB  OG   sing N N 270 
SER CB  HB2  sing N N 271 
SER CB  HB3  sing N N 272 
SER OG  HG   sing N N 273 
SER OXT HXT  sing N N 274 
TYR N   CA   sing N N 275 
TYR N   H    sing N N 276 
TYR N   H2   sing N N 277 
TYR CA  C    sing N N 278 
TYR CA  CB   sing N N 279 
TYR CA  HA   sing N N 280 
TYR C   O    doub N N 281 
TYR C   OXT  sing N N 282 
TYR CB  CG   sing N N 283 
TYR CB  HB2  sing N N 284 
TYR CB  HB3  sing N N 285 
TYR CG  CD1  doub Y N 286 
TYR CG  CD2  sing Y N 287 
TYR CD1 CE1  sing Y N 288 
TYR CD1 HD1  sing N N 289 
TYR CD2 CE2  doub Y N 290 
TYR CD2 HD2  sing N N 291 
TYR CE1 CZ   doub Y N 292 
TYR CE1 HE1  sing N N 293 
TYR CE2 CZ   sing Y N 294 
TYR CE2 HE2  sing N N 295 
TYR CZ  OH   sing N N 296 
TYR OH  HH   sing N N 297 
TYR OXT HXT  sing N N 298 
VAL N   CA   sing N N 299 
VAL N   H    sing N N 300 
VAL N   H2   sing N N 301 
VAL CA  C    sing N N 302 
VAL CA  CB   sing N N 303 
VAL CA  HA   sing N N 304 
VAL C   O    doub N N 305 
VAL C   OXT  sing N N 306 
VAL CB  CG1  sing N N 307 
VAL CB  CG2  sing N N 308 
VAL CB  HB   sing N N 309 
VAL CG1 HG11 sing N N 310 
VAL CG1 HG12 sing N N 311 
VAL CG1 HG13 sing N N 312 
VAL CG2 HG21 sing N N 313 
VAL CG2 HG22 sing N N 314 
VAL CG2 HG23 sing N N 315 
VAL OXT HXT  sing N N 316 
# 
_pdbx_nmr_spectrometer.spectrometer_id   1 
_pdbx_nmr_spectrometer.model             AMX-500 
_pdbx_nmr_spectrometer.manufacturer      Bruker 
_pdbx_nmr_spectrometer.field_strength    500 
# 
_atom_sites.entry_id                    1EDI 
_atom_sites.fract_transf_matrix[1][1]   1.000000 
_atom_sites.fract_transf_matrix[1][2]   0.000000 
_atom_sites.fract_transf_matrix[1][3]   0.000000 
_atom_sites.fract_transf_matrix[2][1]   0.000000 
_atom_sites.fract_transf_matrix[2][2]   1.000000 
_atom_sites.fract_transf_matrix[2][3]   0.000000 
_atom_sites.fract_transf_matrix[3][1]   0.000000 
_atom_sites.fract_transf_matrix[3][2]   0.000000 
_atom_sites.fract_transf_matrix[3][3]   1.000000 
_atom_sites.fract_transf_vector[1]      0.00000 
_atom_sites.fract_transf_vector[2]      0.00000 
_atom_sites.fract_transf_vector[3]      0.00000 
# 
loop_
_atom_type.symbol 
C 
H 
N 
O 
S 
# 
loop_
_atom_site.group_PDB 
_atom_site.id 
_atom_site.type_symbol 
_atom_site.label_atom_id 
_atom_site.label_alt_id 
_atom_site.label_comp_id 
_atom_site.label_asym_id 
_atom_site.label_entity_id 
_atom_site.label_seq_id 
_atom_site.pdbx_PDB_ins_code 
_atom_site.Cartn_x 
_atom_site.Cartn_y 
_atom_site.Cartn_z 
_atom_site.occupancy 
_atom_site.B_iso_or_equiv 
_atom_site.pdbx_formal_charge 
_atom_site.auth_seq_id 
_atom_site.auth_comp_id 
_atom_site.auth_asym_id 
_atom_site.auth_atom_id 
_atom_site.pdbx_PDB_model_num 
ATOM 1   N N    . ALA A 1 1  ? -9.419  -13.883 0.762   1.00 0.00 ? 1  ALA A N    1 
ATOM 2   C CA   . ALA A 1 1  ? -10.556 -14.670 1.278   1.00 0.00 ? 1  ALA A CA   1 
ATOM 3   C C    . ALA A 1 1  ? -10.306 -16.168 1.111   1.00 0.00 ? 1  ALA A C    1 
ATOM 4   O O    . ALA A 1 1  ? -10.317 -16.917 2.086   1.00 0.00 ? 1  ALA A O    1 
ATOM 5   C CB   . ALA A 1 1  ? -11.862 -14.247 0.600   1.00 0.00 ? 1  ALA A CB   1 
ATOM 6   H H1   . ALA A 1 1  ? -8.566  -14.181 1.214   1.00 0.00 ? 1  ALA A H1   1 
ATOM 7   H H2   . ALA A 1 1  ? -9.334  -14.027 -0.234  1.00 0.00 ? 1  ALA A H2   1 
ATOM 8   H H3   . ALA A 1 1  ? -9.565  -12.899 0.947   1.00 0.00 ? 1  ALA A H3   1 
ATOM 9   H HA   . ALA A 1 1  ? -10.652 -14.456 2.343   1.00 0.00 ? 1  ALA A HA   1 
ATOM 10  H HB1  . ALA A 1 1  ? -12.046 -13.189 0.787   1.00 0.00 ? 1  ALA A HB1  1 
ATOM 11  H HB2  . ALA A 1 1  ? -11.802 -14.412 -0.477  1.00 0.00 ? 1  ALA A HB2  1 
ATOM 12  H HB3  . ALA A 1 1  ? -12.691 -14.828 1.006   1.00 0.00 ? 1  ALA A HB3  1 
ATOM 13  N N    . GLN A 1 2  ? -10.037 -16.584 -0.131  1.00 0.00 ? 2  GLN A N    1 
ATOM 14  C CA   . GLN A 1 2  ? -9.571  -17.921 -0.477  1.00 0.00 ? 2  GLN A CA   1 
ATOM 15  C C    . GLN A 1 2  ? -8.248  -18.258 0.221   1.00 0.00 ? 2  GLN A C    1 
ATOM 16  O O    . GLN A 1 2  ? -7.979  -19.422 0.510   1.00 0.00 ? 2  GLN A O    1 
ATOM 17  C CB   . GLN A 1 2  ? -9.457  -18.055 -2.007  1.00 0.00 ? 2  GLN A CB   1 
ATOM 18  C CG   . GLN A 1 2  ? -8.255  -17.342 -2.658  1.00 0.00 ? 2  GLN A CG   1 
ATOM 19  C CD   . GLN A 1 2  ? -8.230  -15.828 -2.439  1.00 0.00 ? 2  GLN A CD   1 
ATOM 20  O OE1  . GLN A 1 2  ? -9.267  -15.169 -2.483  1.00 0.00 ? 2  GLN A OE1  1 
ATOM 21  N NE2  . GLN A 1 2  ? -7.047  -15.267 -2.189  1.00 0.00 ? 2  GLN A NE2  1 
ATOM 22  H H    . GLN A 1 2  ? -10.082 -15.905 -0.878  1.00 0.00 ? 2  GLN A H    1 
ATOM 23  H HA   . GLN A 1 2  ? -10.326 -18.632 -0.139  1.00 0.00 ? 2  GLN A HA   1 
ATOM 24  H HB2  . GLN A 1 2  ? -9.364  -19.118 -2.239  1.00 0.00 ? 2  GLN A HB2  1 
ATOM 25  H HB3  . GLN A 1 2  ? -10.379 -17.695 -2.466  1.00 0.00 ? 2  GLN A HB3  1 
ATOM 26  H HG2  . GLN A 1 2  ? -7.329  -17.785 -2.288  1.00 0.00 ? 2  GLN A HG2  1 
ATOM 27  H HG3  . GLN A 1 2  ? -8.298  -17.520 -3.732  1.00 0.00 ? 2  GLN A HG3  1 
ATOM 28  H HE21 . GLN A 1 2  ? -6.205  -15.830 -2.170  1.00 0.00 ? 2  GLN A HE21 1 
ATOM 29  H HE22 . GLN A 1 2  ? -6.991  -14.273 -2.026  1.00 0.00 ? 2  GLN A HE22 1 
ATOM 30  N N    . HIS A 1 3  ? -7.424  -17.233 0.470   1.00 0.00 ? 3  HIS A N    1 
ATOM 31  C CA   . HIS A 1 3  ? -6.097  -17.326 1.052   1.00 0.00 ? 3  HIS A CA   1 
ATOM 32  C C    . HIS A 1 3  ? -5.398  -15.982 0.852   1.00 0.00 ? 3  HIS A C    1 
ATOM 33  O O    . HIS A 1 3  ? -6.064  -14.950 0.759   1.00 0.00 ? 3  HIS A O    1 
ATOM 34  C CB   . HIS A 1 3  ? -5.305  -18.394 0.279   1.00 0.00 ? 3  HIS A CB   1 
ATOM 35  C CG   . HIS A 1 3  ? -5.880  -19.793 0.288   1.00 0.00 ? 3  HIS A CG   1 
ATOM 36  N ND1  . HIS A 1 3  ? -5.569  -20.747 1.245   1.00 0.00 ? 3  HIS A ND1  1 
ATOM 37  C CD2  . HIS A 1 3  ? -6.753  -20.419 -0.569  1.00 0.00 ? 3  HIS A CD2  1 
ATOM 38  C CE1  . HIS A 1 3  ? -6.259  -21.861 0.941   1.00 0.00 ? 3  HIS A CE1  1 
ATOM 39  N NE2  . HIS A 1 3  ? -6.993  -21.727 -0.163  1.00 0.00 ? 3  HIS A NE2  1 
ATOM 40  H H    . HIS A 1 3  ? -7.717  -16.306 0.198   1.00 0.00 ? 3  HIS A H    1 
ATOM 41  H HA   . HIS A 1 3  ? -6.137  -17.621 2.103   1.00 0.00 ? 3  HIS A HA   1 
ATOM 42  H HB2  . HIS A 1 3  ? -5.232  -18.081 -0.761  1.00 0.00 ? 3  HIS A HB2  1 
ATOM 43  H HB3  . HIS A 1 3  ? -4.292  -18.437 0.680   1.00 0.00 ? 3  HIS A HB3  1 
ATOM 44  H HD1  . HIS A 1 3  ? -4.940  -20.626 2.028   1.00 0.00 ? 3  HIS A HD1  1 
ATOM 45  H HD2  . HIS A 1 3  ? -7.191  -19.957 -1.442  1.00 0.00 ? 3  HIS A HD2  1 
ATOM 46  H HE1  . HIS A 1 3  ? -6.217  -22.771 1.517   1.00 0.00 ? 3  HIS A HE1  1 
ATOM 47  N N    . ASP A 1 4  ? -4.063  -16.013 0.746   1.00 0.00 ? 4  ASP A N    1 
ATOM 48  C CA   . ASP A 1 4  ? -3.238  -14.874 0.358   1.00 0.00 ? 4  ASP A CA   1 
ATOM 49  C C    . ASP A 1 4  ? -3.490  -13.671 1.273   1.00 0.00 ? 4  ASP A C    1 
ATOM 50  O O    . ASP A 1 4  ? -3.774  -12.570 0.804   1.00 0.00 ? 4  ASP A O    1 
ATOM 51  C CB   . ASP A 1 4  ? -3.466  -14.544 -1.127  1.00 0.00 ? 4  ASP A CB   1 
ATOM 52  C CG   . ASP A 1 4  ? -3.312  -15.774 -2.020  1.00 0.00 ? 4  ASP A CG   1 
ATOM 53  O OD1  . ASP A 1 4  ? -2.150  -16.085 -2.361  1.00 0.00 ? 4  ASP A OD1  1 
ATOM 54  O OD2  . ASP A 1 4  ? -4.357  -16.384 -2.337  1.00 0.00 ? 4  ASP A OD2  1 
ATOM 55  H H    . ASP A 1 4  ? -3.598  -16.904 0.846   1.00 0.00 ? 4  ASP A H    1 
ATOM 56  H HA   . ASP A 1 4  ? -2.194  -15.167 0.477   1.00 0.00 ? 4  ASP A HA   1 
ATOM 57  H HB2  . ASP A 1 4  ? -4.464  -14.125 -1.269  1.00 0.00 ? 4  ASP A HB2  1 
ATOM 58  H HB3  . ASP A 1 4  ? -2.734  -13.803 -1.443  1.00 0.00 ? 4  ASP A HB3  1 
ATOM 59  N N    . GLU A 1 5  ? -3.408  -13.901 2.588   1.00 0.00 ? 5  GLU A N    1 
ATOM 60  C CA   . GLU A 1 5  ? -3.806  -12.925 3.592   1.00 0.00 ? 5  GLU A CA   1 
ATOM 61  C C    . GLU A 1 5  ? -2.899  -11.695 3.573   1.00 0.00 ? 5  GLU A C    1 
ATOM 62  O O    . GLU A 1 5  ? -3.394  -10.572 3.614   1.00 0.00 ? 5  GLU A O    1 
ATOM 63  C CB   . GLU A 1 5  ? -3.873  -13.571 4.978   1.00 0.00 ? 5  GLU A CB   1 
ATOM 64  C CG   . GLU A 1 5  ? -4.934  -14.675 5.010   1.00 0.00 ? 5  GLU A CG   1 
ATOM 65  C CD   . GLU A 1 5  ? -5.054  -15.301 6.394   1.00 0.00 ? 5  GLU A CD   1 
ATOM 66  O OE1  . GLU A 1 5  ? -5.768  -14.704 7.228   1.00 0.00 ? 5  GLU A OE1  1 
ATOM 67  O OE2  . GLU A 1 5  ? -4.431  -16.367 6.592   1.00 0.00 ? 5  GLU A OE2  1 
ATOM 68  H H    . GLU A 1 5  ? -3.157  -14.827 2.904   1.00 0.00 ? 5  GLU A H    1 
ATOM 69  H HA   . GLU A 1 5  ? -4.816  -12.602 3.350   1.00 0.00 ? 5  GLU A HA   1 
ATOM 70  H HB2  . GLU A 1 5  ? -2.899  -13.976 5.255   1.00 0.00 ? 5  GLU A HB2  1 
ATOM 71  H HB3  . GLU A 1 5  ? -4.165  -12.803 5.698   1.00 0.00 ? 5  GLU A HB3  1 
ATOM 72  H HG2  . GLU A 1 5  ? -5.895  -14.237 4.743   1.00 0.00 ? 5  GLU A HG2  1 
ATOM 73  H HG3  . GLU A 1 5  ? -4.689  -15.457 4.291   1.00 0.00 ? 5  GLU A HG3  1 
ATOM 74  N N    . ALA A 1 6  ? -1.580  -11.901 3.484   1.00 0.00 ? 6  ALA A N    1 
ATOM 75  C CA   . ALA A 1 6  ? -0.609  -10.820 3.367   1.00 0.00 ? 6  ALA A CA   1 
ATOM 76  C C    . ALA A 1 6  ? -0.863  -9.979  2.111   1.00 0.00 ? 6  ALA A C    1 
ATOM 77  O O    . ALA A 1 6  ? -0.797  -8.752  2.166   1.00 0.00 ? 6  ALA A O    1 
ATOM 78  C CB   . ALA A 1 6  ? 0.805   -11.404 3.351   1.00 0.00 ? 6  ALA A CB   1 
ATOM 79  H H    . ALA A 1 6  ? -1.235  -12.850 3.456   1.00 0.00 ? 6  ALA A H    1 
ATOM 80  H HA   . ALA A 1 6  ? -0.698  -10.177 4.245   1.00 0.00 ? 6  ALA A HA   1 
ATOM 81  H HB1  . ALA A 1 6  ? 0.982   -11.968 4.269   1.00 0.00 ? 6  ALA A HB1  1 
ATOM 82  H HB2  . ALA A 1 6  ? 0.929   -12.067 2.494   1.00 0.00 ? 6  ALA A HB2  1 
ATOM 83  H HB3  . ALA A 1 6  ? 1.535   -10.597 3.285   1.00 0.00 ? 6  ALA A HB3  1 
ATOM 84  N N    . GLN A 1 7  ? -1.153  -10.649 0.987   1.00 0.00 ? 7  GLN A N    1 
ATOM 85  C CA   . GLN A 1 7  ? -1.384  -10.027 -0.308  1.00 0.00 ? 7  GLN A CA   1 
ATOM 86  C C    . GLN A 1 7  ? -2.570  -9.062  -0.232  1.00 0.00 ? 7  GLN A C    1 
ATOM 87  O O    . GLN A 1 7  ? -2.431  -7.880  -0.546  1.00 0.00 ? 7  GLN A O    1 
ATOM 88  C CB   . GLN A 1 7  ? -1.624  -11.133 -1.350  1.00 0.00 ? 7  GLN A CB   1 
ATOM 89  C CG   . GLN A 1 7  ? -1.474  -10.662 -2.802  1.00 0.00 ? 7  GLN A CG   1 
ATOM 90  C CD   . GLN A 1 7  ? -0.037  -10.303 -3.172  1.00 0.00 ? 7  GLN A CD   1 
ATOM 91  O OE1  . GLN A 1 7  ? 0.212   -9.232  -3.715  1.00 0.00 ? 7  GLN A OE1  1 
ATOM 92  N NE2  . GLN A 1 7  ? 0.915   -11.198 -2.898  1.00 0.00 ? 7  GLN A NE2  1 
ATOM 93  H H    . GLN A 1 7  ? -1.212  -11.655 1.033   1.00 0.00 ? 7  GLN A H    1 
ATOM 94  H HA   . GLN A 1 7  ? -0.486  -9.471  -0.576  1.00 0.00 ? 7  GLN A HA   1 
ATOM 95  H HB2  . GLN A 1 7  ? -0.934  -11.959 -1.169  1.00 0.00 ? 7  GLN A HB2  1 
ATOM 96  H HB3  . GLN A 1 7  ? -2.636  -11.515 -1.234  1.00 0.00 ? 7  GLN A HB3  1 
ATOM 97  H HG2  . GLN A 1 7  ? -1.799  -11.468 -3.461  1.00 0.00 ? 7  GLN A HG2  1 
ATOM 98  H HG3  . GLN A 1 7  ? -2.122  -9.801  -2.972  1.00 0.00 ? 7  GLN A HG3  1 
ATOM 99  H HE21 . GLN A 1 7  ? 0.682   -12.079 -2.466  1.00 0.00 ? 7  GLN A HE21 1 
ATOM 100 H HE22 . GLN A 1 7  ? 1.878   -10.967 -3.100  1.00 0.00 ? 7  GLN A HE22 1 
ATOM 101 N N    . GLN A 1 8  ? -3.734  -9.571  0.197   1.00 0.00 ? 8  GLN A N    1 
ATOM 102 C CA   . GLN A 1 8  ? -4.950  -8.777  0.289   1.00 0.00 ? 8  GLN A CA   1 
ATOM 103 C C    . GLN A 1 8  ? -4.821  -7.689  1.358   1.00 0.00 ? 8  GLN A C    1 
ATOM 104 O O    . GLN A 1 8  ? -5.288  -6.574  1.144   1.00 0.00 ? 8  GLN A O    1 
ATOM 105 C CB   . GLN A 1 8  ? -6.181  -9.672  0.498   1.00 0.00 ? 8  GLN A CB   1 
ATOM 106 C CG   . GLN A 1 8  ? -6.254  -10.286 1.903   1.00 0.00 ? 8  GLN A CG   1 
ATOM 107 C CD   . GLN A 1 8  ? -7.481  -11.165 2.125   1.00 0.00 ? 8  GLN A CD   1 
ATOM 108 O OE1  . GLN A 1 8  ? -8.440  -11.128 1.357   1.00 0.00 ? 8  GLN A OE1  1 
ATOM 109 N NE2  . GLN A 1 8  ? -7.459  -11.941 3.210   1.00 0.00 ? 8  GLN A NE2  1 
ATOM 110 H H    . GLN A 1 8  ? -3.780  -10.550 0.448   1.00 0.00 ? 8  GLN A H    1 
ATOM 111 H HA   . GLN A 1 8  ? -5.090  -8.285  -0.675  1.00 0.00 ? 8  GLN A HA   1 
ATOM 112 H HB2  . GLN A 1 8  ? -7.068  -9.065  0.330   1.00 0.00 ? 8  GLN A HB2  1 
ATOM 113 H HB3  . GLN A 1 8  ? -6.170  -10.473 -0.243  1.00 0.00 ? 8  GLN A HB3  1 
ATOM 114 H HG2  . GLN A 1 8  ? -5.362  -10.887 2.046   1.00 0.00 ? 8  GLN A HG2  1 
ATOM 115 H HG3  . GLN A 1 8  ? -6.285  -9.505  2.660   1.00 0.00 ? 8  GLN A HG3  1 
ATOM 116 H HE21 . GLN A 1 8  ? -6.666  -11.909 3.833   1.00 0.00 ? 8  GLN A HE21 1 
ATOM 117 H HE22 . GLN A 1 8  ? -8.242  -12.538 3.426   1.00 0.00 ? 8  GLN A HE22 1 
ATOM 118 N N    . ASN A 1 9  ? -4.176  -7.996  2.493   1.00 0.00 ? 9  ASN A N    1 
ATOM 119 C CA   . ASN A 1 9  ? -3.965  -7.046  3.576   1.00 0.00 ? 9  ASN A CA   1 
ATOM 120 C C    . ASN A 1 9  ? -3.189  -5.834  3.072   1.00 0.00 ? 9  ASN A C    1 
ATOM 121 O O    . ASN A 1 9  ? -3.623  -4.706  3.283   1.00 0.00 ? 9  ASN A O    1 
ATOM 122 C CB   . ASN A 1 9  ? -3.239  -7.717  4.748   1.00 0.00 ? 9  ASN A CB   1 
ATOM 123 C CG   . ASN A 1 9  ? -2.930  -6.719  5.862   1.00 0.00 ? 9  ASN A CG   1 
ATOM 124 O OD1  . ASN A 1 9  ? -3.766  -6.474  6.729   1.00 0.00 ? 9  ASN A OD1  1 
ATOM 125 N ND2  . ASN A 1 9  ? -1.728  -6.136  5.845   1.00 0.00 ? 9  ASN A ND2  1 
ATOM 126 H H    . ASN A 1 9  ? -3.815  -8.934  2.617   1.00 0.00 ? 9  ASN A H    1 
ATOM 127 H HA   . ASN A 1 9  ? -4.940  -6.710  3.934   1.00 0.00 ? 9  ASN A HA   1 
ATOM 128 H HB2  . ASN A 1 9  ? -3.877  -8.502  5.156   1.00 0.00 ? 9  ASN A HB2  1 
ATOM 129 H HB3  . ASN A 1 9  ? -2.309  -8.168  4.401   1.00 0.00 ? 9  ASN A HB3  1 
ATOM 130 H HD21 . ASN A 1 9  ? -1.067  -6.357  5.115   1.00 0.00 ? 9  ASN A HD21 1 
ATOM 131 H HD22 . ASN A 1 9  ? -1.488  -5.470  6.566   1.00 0.00 ? 9  ASN A HD22 1 
ATOM 132 N N    . ALA A 1 10 ? -2.054  -6.069  2.404   1.00 0.00 ? 10 ALA A N    1 
ATOM 133 C CA   . ALA A 1 10 ? -1.233  -5.010  1.839   1.00 0.00 ? 10 ALA A CA   1 
ATOM 134 C C    . ALA A 1 10 ? -2.057  -4.118  0.905   1.00 0.00 ? 10 ALA A C    1 
ATOM 135 O O    . ALA A 1 10 ? -1.996  -2.896  1.016   1.00 0.00 ? 10 ALA A O    1 
ATOM 136 C CB   . ALA A 1 10 ? -0.022  -5.620  1.130   1.00 0.00 ? 10 ALA A CB   1 
ATOM 137 H H    . ALA A 1 10 ? -1.753  -7.026  2.263   1.00 0.00 ? 10 ALA A H    1 
ATOM 138 H HA   . ALA A 1 10 ? -0.862  -4.396  2.660   1.00 0.00 ? 10 ALA A HA   1 
ATOM 139 H HB1  . ALA A 1 10 ? -0.345  -6.295  0.338   1.00 0.00 ? 10 ALA A HB1  1 
ATOM 140 H HB2  . ALA A 1 10 ? 0.594   -4.828  0.702   1.00 0.00 ? 10 ALA A HB2  1 
ATOM 141 H HB3  . ALA A 1 10 ? 0.577   -6.179  1.851   1.00 0.00 ? 10 ALA A HB3  1 
ATOM 142 N N    . PHE A 1 11 ? -2.852  -4.725  0.016   1.00 0.00 ? 11 PHE A N    1 
ATOM 143 C CA   . PHE A 1 11 ? -3.727  -4.002  -0.900  1.00 0.00 ? 11 PHE A CA   1 
ATOM 144 C C    . PHE A 1 11 ? -4.727  -3.113  -0.148  1.00 0.00 ? 11 PHE A C    1 
ATOM 145 O O    . PHE A 1 11 ? -4.826  -1.921  -0.438  1.00 0.00 ? 11 PHE A O    1 
ATOM 146 C CB   . PHE A 1 11 ? -4.430  -5.008  -1.820  1.00 0.00 ? 11 PHE A CB   1 
ATOM 147 C CG   . PHE A 1 11 ? -5.428  -4.397  -2.783  1.00 0.00 ? 11 PHE A CG   1 
ATOM 148 C CD1  . PHE A 1 11 ? -4.991  -3.495  -3.770  1.00 0.00 ? 11 PHE A CD1  1 
ATOM 149 C CD2  . PHE A 1 11 ? -6.789  -4.750  -2.709  1.00 0.00 ? 11 PHE A CD2  1 
ATOM 150 C CE1  . PHE A 1 11 ? -5.911  -2.954  -4.685  1.00 0.00 ? 11 PHE A CE1  1 
ATOM 151 C CE2  . PHE A 1 11 ? -7.705  -4.220  -3.635  1.00 0.00 ? 11 PHE A CE2  1 
ATOM 152 C CZ   . PHE A 1 11 ? -7.264  -3.329  -4.629  1.00 0.00 ? 11 PHE A CZ   1 
ATOM 153 H H    . PHE A 1 11 ? -2.861  -5.735  -0.019  1.00 0.00 ? 11 PHE A H    1 
ATOM 154 H HA   . PHE A 1 11 ? -3.103  -3.356  -1.518  1.00 0.00 ? 11 PHE A HA   1 
ATOM 155 H HB2  . PHE A 1 11 ? -3.672  -5.533  -2.403  1.00 0.00 ? 11 PHE A HB2  1 
ATOM 156 H HB3  . PHE A 1 11 ? -4.941  -5.748  -1.208  1.00 0.00 ? 11 PHE A HB3  1 
ATOM 157 H HD1  . PHE A 1 11 ? -3.948  -3.222  -3.836  1.00 0.00 ? 11 PHE A HD1  1 
ATOM 158 H HD2  . PHE A 1 11 ? -7.136  -5.440  -1.955  1.00 0.00 ? 11 PHE A HD2  1 
ATOM 159 H HE1  . PHE A 1 11 ? -5.577  -2.255  -5.436  1.00 0.00 ? 11 PHE A HE1  1 
ATOM 160 H HE2  . PHE A 1 11 ? -8.747  -4.499  -3.582  1.00 0.00 ? 11 PHE A HE2  1 
ATOM 161 H HZ   . PHE A 1 11 ? -7.968  -2.922  -5.339  1.00 0.00 ? 11 PHE A HZ   1 
ATOM 162 N N    . TYR A 1 12 ? -5.453  -3.684  0.823   1.00 0.00 ? 12 TYR A N    1 
ATOM 163 C CA   . TYR A 1 12 ? -6.431  -2.962  1.631   1.00 0.00 ? 12 TYR A CA   1 
ATOM 164 C C    . TYR A 1 12 ? -5.780  -1.794  2.375   1.00 0.00 ? 12 TYR A C    1 
ATOM 165 O O    . TYR A 1 12 ? -6.342  -0.702  2.416   1.00 0.00 ? 12 TYR A O    1 
ATOM 166 C CB   . TYR A 1 12 ? -7.113  -3.907  2.631   1.00 0.00 ? 12 TYR A CB   1 
ATOM 167 C CG   . TYR A 1 12 ? -7.805  -5.140  2.067   1.00 0.00 ? 12 TYR A CG   1 
ATOM 168 C CD1  . TYR A 1 12 ? -8.423  -5.121  0.800   1.00 0.00 ? 12 TYR A CD1  1 
ATOM 169 C CD2  . TYR A 1 12 ? -7.877  -6.306  2.854   1.00 0.00 ? 12 TYR A CD2  1 
ATOM 170 C CE1  . TYR A 1 12 ? -9.064  -6.272  0.310   1.00 0.00 ? 12 TYR A CE1  1 
ATOM 171 C CE2  . TYR A 1 12 ? -8.518  -7.456  2.363   1.00 0.00 ? 12 TYR A CE2  1 
ATOM 172 C CZ   . TYR A 1 12 ? -9.102  -7.443  1.085   1.00 0.00 ? 12 TYR A CZ   1 
ATOM 173 O OH   . TYR A 1 12 ? -9.697  -8.568  0.590   1.00 0.00 ? 12 TYR A OH   1 
ATOM 174 H H    . TYR A 1 12 ? -5.318  -4.667  1.019   1.00 0.00 ? 12 TYR A H    1 
ATOM 175 H HA   . TYR A 1 12 ? -7.189  -2.543  0.970   1.00 0.00 ? 12 TYR A HA   1 
ATOM 176 H HB2  . TYR A 1 12 ? -6.359  -4.239  3.347   1.00 0.00 ? 12 TYR A HB2  1 
ATOM 177 H HB3  . TYR A 1 12 ? -7.863  -3.336  3.180   1.00 0.00 ? 12 TYR A HB3  1 
ATOM 178 H HD1  . TYR A 1 12 ? -8.418  -4.231  0.191   1.00 0.00 ? 12 TYR A HD1  1 
ATOM 179 H HD2  . TYR A 1 12 ? -7.440  -6.323  3.842   1.00 0.00 ? 12 TYR A HD2  1 
ATOM 180 H HE1  . TYR A 1 12 ? -9.526  -6.256  -0.666  1.00 0.00 ? 12 TYR A HE1  1 
ATOM 181 H HE2  . TYR A 1 12 ? -8.565  -8.346  2.974   1.00 0.00 ? 12 TYR A HE2  1 
ATOM 182 H HH   . TYR A 1 12 ? -9.532  -9.356  1.116   1.00 0.00 ? 12 TYR A HH   1 
ATOM 183 N N    . GLN A 1 13 ? -4.601  -2.018  2.960   1.00 0.00 ? 13 GLN A N    1 
ATOM 184 C CA   . GLN A 1 13 ? -3.861  -0.999  3.685   1.00 0.00 ? 13 GLN A CA   1 
ATOM 185 C C    . GLN A 1 13 ? -3.487  0.162   2.760   1.00 0.00 ? 13 GLN A C    1 
ATOM 186 O O    . GLN A 1 13 ? -3.775  1.306   3.095   1.00 0.00 ? 13 GLN A O    1 
ATOM 187 C CB   . GLN A 1 13 ? -2.623  -1.626  4.338   1.00 0.00 ? 13 GLN A CB   1 
ATOM 188 C CG   . GLN A 1 13 ? -2.974  -2.461  5.577   1.00 0.00 ? 13 GLN A CG   1 
ATOM 189 C CD   . GLN A 1 13 ? -3.462  -1.593  6.736   1.00 0.00 ? 13 GLN A CD   1 
ATOM 190 O OE1  . GLN A 1 13 ? -4.631  -1.651  7.108   1.00 0.00 ? 13 GLN A OE1  1 
ATOM 191 N NE2  . GLN A 1 13 ? -2.567  -0.787  7.311   1.00 0.00 ? 13 GLN A NE2  1 
ATOM 192 H H    . GLN A 1 13 ? -4.191  -2.940  2.893   1.00 0.00 ? 13 GLN A H    1 
ATOM 193 H HA   . GLN A 1 13 ? -4.504  -0.595  4.466   1.00 0.00 ? 13 GLN A HA   1 
ATOM 194 H HB2  . GLN A 1 13 ? -2.127  -2.264  3.609   1.00 0.00 ? 13 GLN A HB2  1 
ATOM 195 H HB3  . GLN A 1 13 ? -1.932  -0.838  4.635   1.00 0.00 ? 13 GLN A HB3  1 
ATOM 196 H HG2  . GLN A 1 13 ? -3.747  -3.188  5.330   1.00 0.00 ? 13 GLN A HG2  1 
ATOM 197 H HG3  . GLN A 1 13 ? -2.085  -3.003  5.899   1.00 0.00 ? 13 GLN A HG3  1 
ATOM 198 H HE21 . GLN A 1 13 ? -1.615  -0.765  6.977   1.00 0.00 ? 13 GLN A HE21 1 
ATOM 199 H HE22 . GLN A 1 13 ? -2.851  -0.195  8.078   1.00 0.00 ? 13 GLN A HE22 1 
ATOM 200 N N    . VAL A 1 14 ? -2.876  -0.120  1.601   1.00 0.00 ? 14 VAL A N    1 
ATOM 201 C CA   . VAL A 1 14 ? -2.500  0.901   0.624   1.00 0.00 ? 14 VAL A CA   1 
ATOM 202 C C    . VAL A 1 14 ? -3.708  1.757   0.221   1.00 0.00 ? 14 VAL A C    1 
ATOM 203 O O    . VAL A 1 14 ? -3.578  2.976   0.125   1.00 0.00 ? 14 VAL A O    1 
ATOM 204 C CB   . VAL A 1 14 ? -1.801  0.255   -0.585  1.00 0.00 ? 14 VAL A CB   1 
ATOM 205 C CG1  . VAL A 1 14 ? -1.572  1.272   -1.711  1.00 0.00 ? 14 VAL A CG1  1 
ATOM 206 C CG2  . VAL A 1 14 ? -0.425  -0.295  -0.181  1.00 0.00 ? 14 VAL A CG2  1 
ATOM 207 H H    . VAL A 1 14 ? -2.674  -1.085  1.376   1.00 0.00 ? 14 VAL A H    1 
ATOM 208 H HA   . VAL A 1 14 ? -1.782  1.576   1.091   1.00 0.00 ? 14 VAL A HA   1 
ATOM 209 H HB   . VAL A 1 14 ? -2.416  -0.560  -0.968  1.00 0.00 ? 14 VAL A HB   1 
ATOM 210 H HG11 . VAL A 1 14 ? -1.011  2.128   -1.335  1.00 0.00 ? 14 VAL A HG11 1 
ATOM 211 H HG12 . VAL A 1 14 ? -1.006  0.799   -2.513  1.00 0.00 ? 14 VAL A HG12 1 
ATOM 212 H HG13 . VAL A 1 14 ? -2.523  1.619   -2.116  1.00 0.00 ? 14 VAL A HG13 1 
ATOM 213 H HG21 . VAL A 1 14 ? -0.497  -0.946  0.688   1.00 0.00 ? 14 VAL A HG21 1 
ATOM 214 H HG22 . VAL A 1 14 ? 0.001   -0.860  -1.010  1.00 0.00 ? 14 VAL A HG22 1 
ATOM 215 H HG23 . VAL A 1 14 ? 0.243   0.529   0.064   1.00 0.00 ? 14 VAL A HG23 1 
ATOM 216 N N    . LEU A 1 15 ? -4.879  1.140   0.013   1.00 0.00 ? 15 LEU A N    1 
ATOM 217 C CA   . LEU A 1 15 ? -6.114  1.877   -0.232  1.00 0.00 ? 15 LEU A CA   1 
ATOM 218 C C    . LEU A 1 15 ? -6.449  2.781   0.961   1.00 0.00 ? 15 LEU A C    1 
ATOM 219 O O    . LEU A 1 15 ? -6.655  3.980   0.784   1.00 0.00 ? 15 LEU A O    1 
ATOM 220 C CB   . LEU A 1 15 ? -7.275  0.912   -0.517  1.00 0.00 ? 15 LEU A CB   1 
ATOM 221 C CG   . LEU A 1 15 ? -7.203  0.260   -1.907  1.00 0.00 ? 15 LEU A CG   1 
ATOM 222 C CD1  . LEU A 1 15 ? -8.138  -0.955  -1.934  1.00 0.00 ? 15 LEU A CD1  1 
ATOM 223 C CD2  . LEU A 1 15 ? -7.638  1.239   -3.005  1.00 0.00 ? 15 LEU A CD2  1 
ATOM 224 H H    . LEU A 1 15 ? -4.928  0.132   0.082   1.00 0.00 ? 15 LEU A H    1 
ATOM 225 H HA   . LEU A 1 15 ? -5.966  2.522   -1.098  1.00 0.00 ? 15 LEU A HA   1 
ATOM 226 H HB2  . LEU A 1 15 ? -7.275  0.131   0.241   1.00 0.00 ? 15 LEU A HB2  1 
ATOM 227 H HB3  . LEU A 1 15 ? -8.218  1.453   -0.440  1.00 0.00 ? 15 LEU A HB3  1 
ATOM 228 H HG   . LEU A 1 15 ? -6.188  -0.083  -2.107  1.00 0.00 ? 15 LEU A HG   1 
ATOM 229 H HD11 . LEU A 1 15 ? -9.145  -0.660  -1.641  1.00 0.00 ? 15 LEU A HD11 1 
ATOM 230 H HD12 . LEU A 1 15 ? -8.171  -1.369  -2.940  1.00 0.00 ? 15 LEU A HD12 1 
ATOM 231 H HD13 . LEU A 1 15 ? -7.773  -1.721  -1.251  1.00 0.00 ? 15 LEU A HD13 1 
ATOM 232 H HD21 . LEU A 1 15 ? -8.662  1.568   -2.828  1.00 0.00 ? 15 LEU A HD21 1 
ATOM 233 H HD22 . LEU A 1 15 ? -6.987  2.110   -3.031  1.00 0.00 ? 15 LEU A HD22 1 
ATOM 234 H HD23 . LEU A 1 15 ? -7.591  0.743   -3.976  1.00 0.00 ? 15 LEU A HD23 1 
ATOM 235 N N    . ASN A 1 16 ? -6.505  2.207   2.169   1.00 0.00 ? 16 ASN A N    1 
ATOM 236 C CA   . ASN A 1 16 ? -6.880  2.910   3.391   1.00 0.00 ? 16 ASN A CA   1 
ATOM 237 C C    . ASN A 1 16 ? -5.669  3.622   4.004   1.00 0.00 ? 16 ASN A C    1 
ATOM 238 O O    . ASN A 1 16 ? -5.252  3.311   5.119   1.00 0.00 ? 16 ASN A O    1 
ATOM 239 C CB   . ASN A 1 16 ? -7.540  1.934   4.376   1.00 0.00 ? 16 ASN A CB   1 
ATOM 240 C CG   . ASN A 1 16 ? -8.907  1.463   3.880   1.00 0.00 ? 16 ASN A CG   1 
ATOM 241 O OD1  . ASN A 1 16 ? -9.930  2.038   4.243   1.00 0.00 ? 16 ASN A OD1  1 
ATOM 242 N ND2  . ASN A 1 16 ? -8.937  0.417   3.053   1.00 0.00 ? 16 ASN A ND2  1 
ATOM 243 H H    . ASN A 1 16 ? -6.289  1.223   2.247   1.00 0.00 ? 16 ASN A H    1 
ATOM 244 H HA   . ASN A 1 16 ? -7.622  3.677   3.156   1.00 0.00 ? 16 ASN A HA   1 
ATOM 245 H HB2  . ASN A 1 16 ? -6.887  1.076   4.549   1.00 0.00 ? 16 ASN A HB2  1 
ATOM 246 H HB3  . ASN A 1 16 ? -7.697  2.444   5.328   1.00 0.00 ? 16 ASN A HB3  1 
ATOM 247 H HD21 . ASN A 1 16 ? -8.075  -0.032  2.775   1.00 0.00 ? 16 ASN A HD21 1 
ATOM 248 H HD22 . ASN A 1 16 ? -9.824  0.079   2.706   1.00 0.00 ? 16 ASN A HD22 1 
ATOM 249 N N    . MET A 1 17 ? -5.134  4.606   3.274   1.00 0.00 ? 17 MET A N    1 
ATOM 250 C CA   . MET A 1 17 ? -4.074  5.508   3.708   1.00 0.00 ? 17 MET A CA   1 
ATOM 251 C C    . MET A 1 17 ? -4.475  6.920   3.267   1.00 0.00 ? 17 MET A C    1 
ATOM 252 O O    . MET A 1 17 ? -4.161  7.320   2.146   1.00 0.00 ? 17 MET A O    1 
ATOM 253 C CB   . MET A 1 17 ? -2.740  5.070   3.091   1.00 0.00 ? 17 MET A CB   1 
ATOM 254 C CG   . MET A 1 17 ? -2.030  4.033   3.962   1.00 0.00 ? 17 MET A CG   1 
ATOM 255 S SD   . MET A 1 17 ? -0.527  3.368   3.207   1.00 0.00 ? 17 MET A SD   1 
ATOM 256 C CE   . MET A 1 17 ? -0.253  1.948   4.289   1.00 0.00 ? 17 MET A CE   1 
ATOM 257 H H    . MET A 1 17 ? -5.527  4.774   2.356   1.00 0.00 ? 17 MET A H    1 
ATOM 258 H HA   . MET A 1 17 ? -3.955  5.472   4.789   1.00 0.00 ? 17 MET A HA   1 
ATOM 259 H HB2  . MET A 1 17 ? -2.910  4.665   2.094   1.00 0.00 ? 17 MET A HB2  1 
ATOM 260 H HB3  . MET A 1 17 ? -2.076  5.924   3.011   1.00 0.00 ? 17 MET A HB3  1 
ATOM 261 H HG2  . MET A 1 17 ? -1.759  4.490   4.914   1.00 0.00 ? 17 MET A HG2  1 
ATOM 262 H HG3  . MET A 1 17 ? -2.709  3.212   4.166   1.00 0.00 ? 17 MET A HG3  1 
ATOM 263 H HE1  . MET A 1 17 ? -0.167  2.282   5.321   1.00 0.00 ? 17 MET A HE1  1 
ATOM 264 H HE2  . MET A 1 17 ? -1.093  1.262   4.198   1.00 0.00 ? 17 MET A HE2  1 
ATOM 265 H HE3  . MET A 1 17 ? 0.662   1.443   3.985   1.00 0.00 ? 17 MET A HE3  1 
ATOM 266 N N    . PRO A 1 18 ? -5.185  7.680   4.119   1.00 0.00 ? 18 PRO A N    1 
ATOM 267 C CA   . PRO A 1 18 ? -5.821  8.935   3.739   1.00 0.00 ? 18 PRO A CA   1 
ATOM 268 C C    . PRO A 1 18 ? -4.841  10.090  3.522   1.00 0.00 ? 18 PRO A C    1 
ATOM 269 O O    . PRO A 1 18 ? -5.239  11.107  2.956   1.00 0.00 ? 18 PRO A O    1 
ATOM 270 C CB   . PRO A 1 18 ? -6.808  9.244   4.868   1.00 0.00 ? 18 PRO A CB   1 
ATOM 271 C CG   . PRO A 1 18 ? -6.144  8.608   6.087   1.00 0.00 ? 18 PRO A CG   1 
ATOM 272 C CD   . PRO A 1 18 ? -5.497  7.354   5.502   1.00 0.00 ? 18 PRO A CD   1 
ATOM 273 H HA   . PRO A 1 18 ? -6.388  8.795   2.819   1.00 0.00 ? 18 PRO A HA   1 
ATOM 274 H HB2  . PRO A 1 18 ? -6.984  10.312  5.004   1.00 0.00 ? 18 PRO A HB2  1 
ATOM 275 H HB3  . PRO A 1 18 ? -7.751  8.733   4.672   1.00 0.00 ? 18 PRO A HB3  1 
ATOM 276 H HG2  . PRO A 1 18 ? -5.369  9.277   6.465   1.00 0.00 ? 18 PRO A HG2  1 
ATOM 277 H HG3  . PRO A 1 18 ? -6.860  8.377   6.877   1.00 0.00 ? 18 PRO A HG3  1 
ATOM 278 H HD2  . PRO A 1 18 ? -4.604  7.116   6.080   1.00 0.00 ? 18 PRO A HD2  1 
ATOM 279 H HD3  . PRO A 1 18 ? -6.202  6.522   5.531   1.00 0.00 ? 18 PRO A HD3  1 
ATOM 280 N N    . ASN A 1 19 ? -3.573  9.953   3.936   1.00 0.00 ? 19 ASN A N    1 
ATOM 281 C CA   . ASN A 1 19 ? -2.592  11.027  3.818   1.00 0.00 ? 19 ASN A CA   1 
ATOM 282 C C    . ASN A 1 19 ? -1.876  10.968  2.467   1.00 0.00 ? 19 ASN A C    1 
ATOM 283 O O    . ASN A 1 19 ? -1.250  11.950  2.071   1.00 0.00 ? 19 ASN A O    1 
ATOM 284 C CB   . ASN A 1 19 ? -1.560  10.937  4.945   1.00 0.00 ? 19 ASN A CB   1 
ATOM 285 C CG   . ASN A 1 19 ? -2.170  10.856  6.343   1.00 0.00 ? 19 ASN A CG   1 
ATOM 286 O OD1  . ASN A 1 19 ? -3.278  11.332  6.584   1.00 0.00 ? 19 ASN A OD1  1 
ATOM 287 N ND2  . ASN A 1 19 ? -1.437  10.248  7.277   1.00 0.00 ? 19 ASN A ND2  1 
ATOM 288 H H    . ASN A 1 19 ? -3.275  9.090   4.372   1.00 0.00 ? 19 ASN A H    1 
ATOM 289 H HA   . ASN A 1 19 ? -3.089  11.996  3.905   1.00 0.00 ? 19 ASN A HA   1 
ATOM 290 H HB2  . ASN A 1 19 ? -0.950  10.056  4.768   1.00 0.00 ? 19 ASN A HB2  1 
ATOM 291 H HB3  . ASN A 1 19 ? -0.911  11.812  4.902   1.00 0.00 ? 19 ASN A HB3  1 
ATOM 292 H HD21 . ASN A 1 19 ? -0.516  9.904   7.039   1.00 0.00 ? 19 ASN A HD21 1 
ATOM 293 H HD22 . ASN A 1 19 ? -1.789  10.170  8.219   1.00 0.00 ? 19 ASN A HD22 1 
ATOM 294 N N    . LEU A 1 20 ? -1.977  9.841   1.748   1.00 0.00 ? 20 LEU A N    1 
ATOM 295 C CA   . LEU A 1 20 ? -1.507  9.748   0.374   1.00 0.00 ? 20 LEU A CA   1 
ATOM 296 C C    . LEU A 1 20 ? -2.443  10.534  -0.544  1.00 0.00 ? 20 LEU A C    1 
ATOM 297 O O    . LEU A 1 20 ? -3.561  10.873  -0.158  1.00 0.00 ? 20 LEU A O    1 
ATOM 298 C CB   . LEU A 1 20 ? -1.492  8.283   -0.090  1.00 0.00 ? 20 LEU A CB   1 
ATOM 299 C CG   . LEU A 1 20 ? -0.621  7.350   0.761   1.00 0.00 ? 20 LEU A CG   1 
ATOM 300 C CD1  . LEU A 1 20 ? -0.747  5.920   0.222   1.00 0.00 ? 20 LEU A CD1  1 
ATOM 301 C CD2  . LEU A 1 20 ? 0.852   7.757   0.735   1.00 0.00 ? 20 LEU A CD2  1 
ATOM 302 H H    . LEU A 1 20 ? -2.508  9.060   2.111   1.00 0.00 ? 20 LEU A H    1 
ATOM 303 H HA   . LEU A 1 20 ? -0.506  10.169  0.310   1.00 0.00 ? 20 LEU A HA   1 
ATOM 304 H HB2  . LEU A 1 20 ? -2.516  7.908   -0.071  1.00 0.00 ? 20 LEU A HB2  1 
ATOM 305 H HB3  . LEU A 1 20 ? -1.136  8.241   -1.120  1.00 0.00 ? 20 LEU A HB3  1 
ATOM 306 H HG   . LEU A 1 20 ? -0.970  7.376   1.790   1.00 0.00 ? 20 LEU A HG   1 
ATOM 307 H HD11 . LEU A 1 20 ? -1.791  5.610   0.226   1.00 0.00 ? 20 LEU A HD11 1 
ATOM 308 H HD12 . LEU A 1 20 ? -0.367  5.874   -0.798  1.00 0.00 ? 20 LEU A HD12 1 
ATOM 309 H HD13 . LEU A 1 20 ? -0.171  5.239   0.846   1.00 0.00 ? 20 LEU A HD13 1 
ATOM 310 H HD21 . LEU A 1 20 ? 1.191   7.841   -0.296  1.00 0.00 ? 20 LEU A HD21 1 
ATOM 311 H HD22 . LEU A 1 20 ? 0.988   8.707   1.247   1.00 0.00 ? 20 LEU A HD22 1 
ATOM 312 H HD23 . LEU A 1 20 ? 1.441   6.998   1.247   1.00 0.00 ? 20 LEU A HD23 1 
ATOM 313 N N    . ASN A 1 21 ? -1.992  10.786  -1.776  1.00 0.00 ? 21 ASN A N    1 
ATOM 314 C CA   . ASN A 1 21 ? -2.841  11.291  -2.848  1.00 0.00 ? 21 ASN A CA   1 
ATOM 315 C C    . ASN A 1 21 ? -3.154  10.139  -3.808  1.00 0.00 ? 21 ASN A C    1 
ATOM 316 O O    . ASN A 1 21 ? -2.715  9.007   -3.592  1.00 0.00 ? 21 ASN A O    1 
ATOM 317 C CB   . ASN A 1 21 ? -2.202  12.514  -3.524  1.00 0.00 ? 21 ASN A CB   1 
ATOM 318 C CG   . ASN A 1 21 ? -0.877  12.216  -4.221  1.00 0.00 ? 21 ASN A CG   1 
ATOM 319 O OD1  . ASN A 1 21 ? -0.798  11.326  -5.062  1.00 0.00 ? 21 ASN A OD1  1 
ATOM 320 N ND2  . ASN A 1 21 ? 0.168   12.975  -3.889  1.00 0.00 ? 21 ASN A ND2  1 
ATOM 321 H H    . ASN A 1 21 ? -1.051  10.502  -2.012  1.00 0.00 ? 21 ASN A H    1 
ATOM 322 H HA   . ASN A 1 21 ? -3.795  11.633  -2.446  1.00 0.00 ? 21 ASN A HA   1 
ATOM 323 H HB2  . ASN A 1 21 ? -2.892  12.917  -4.266  1.00 0.00 ? 21 ASN A HB2  1 
ATOM 324 H HB3  . ASN A 1 21 ? -2.050  13.281  -2.763  1.00 0.00 ? 21 ASN A HB3  1 
ATOM 325 H HD21 . ASN A 1 21 ? 0.068   13.699  -3.190  1.00 0.00 ? 21 ASN A HD21 1 
ATOM 326 H HD22 . ASN A 1 21 ? 1.061   12.819  -4.330  1.00 0.00 ? 21 ASN A HD22 1 
ATOM 327 N N    . ALA A 1 22 ? -3.933  10.423  -4.858  1.00 0.00 ? 22 ALA A N    1 
ATOM 328 C CA   . ALA A 1 22 ? -4.356  9.426   -5.828  1.00 0.00 ? 22 ALA A CA   1 
ATOM 329 C C    . ALA A 1 22 ? -3.152  8.796   -6.529  1.00 0.00 ? 22 ALA A C    1 
ATOM 330 O O    . ALA A 1 22 ? -3.004  7.577   -6.514  1.00 0.00 ? 22 ALA A O    1 
ATOM 331 C CB   . ALA A 1 22 ? -5.312  10.064  -6.840  1.00 0.00 ? 22 ALA A CB   1 
ATOM 332 H H    . ALA A 1 22 ? -4.267  11.368  -4.979  1.00 0.00 ? 22 ALA A H    1 
ATOM 333 H HA   . ALA A 1 22 ? -4.901  8.642   -5.299  1.00 0.00 ? 22 ALA A HA   1 
ATOM 334 H HB1  . ALA A 1 22 ? -6.187  10.459  -6.320  1.00 0.00 ? 22 ALA A HB1  1 
ATOM 335 H HB2  . ALA A 1 22 ? -4.817  10.877  -7.371  1.00 0.00 ? 22 ALA A HB2  1 
ATOM 336 H HB3  . ALA A 1 22 ? -5.639  9.312   -7.559  1.00 0.00 ? 22 ALA A HB3  1 
ATOM 337 N N    . ASP A 1 23 ? -2.293  9.626   -7.133  1.00 0.00 ? 23 ASP A N    1 
ATOM 338 C CA   . ASP A 1 23 ? -1.127  9.185   -7.892  1.00 0.00 ? 23 ASP A CA   1 
ATOM 339 C C    . ASP A 1 23 ? -0.247  8.244   -7.066  1.00 0.00 ? 23 ASP A C    1 
ATOM 340 O O    . ASP A 1 23 ? 0.166   7.196   -7.556  1.00 0.00 ? 23 ASP A O    1 
ATOM 341 C CB   . ASP A 1 23 ? -0.320  10.399  -8.371  1.00 0.00 ? 23 ASP A CB   1 
ATOM 342 C CG   . ASP A 1 23 ? -1.172  11.359  -9.198  1.00 0.00 ? 23 ASP A CG   1 
ATOM 343 O OD1  . ASP A 1 23 ? -1.838  12.211  -8.569  1.00 0.00 ? 23 ASP A OD1  1 
ATOM 344 O OD2  . ASP A 1 23 ? -1.149  11.219  -10.439 1.00 0.00 ? 23 ASP A OD2  1 
ATOM 345 H H    . ASP A 1 23 ? -2.463  10.621  -7.080  1.00 0.00 ? 23 ASP A H    1 
ATOM 346 H HA   . ASP A 1 23 ? -1.479  8.644   -8.772  1.00 0.00 ? 23 ASP A HA   1 
ATOM 347 H HB2  . ASP A 1 23 ? 0.086   10.937  -7.514  1.00 0.00 ? 23 ASP A HB2  1 
ATOM 348 H HB3  . ASP A 1 23 ? 0.515   10.050  -8.980  1.00 0.00 ? 23 ASP A HB3  1 
ATOM 349 N N    . GLN A 1 24 ? 0.019   8.617   -5.809  1.00 0.00 ? 24 GLN A N    1 
ATOM 350 C CA   . GLN A 1 24 ? 0.816   7.838   -4.874  1.00 0.00 ? 24 GLN A CA   1 
ATOM 351 C C    . GLN A 1 24 ? 0.189   6.467   -4.625  1.00 0.00 ? 24 GLN A C    1 
ATOM 352 O O    . GLN A 1 24 ? 0.832   5.454   -4.891  1.00 0.00 ? 24 GLN A O    1 
ATOM 353 C CB   . GLN A 1 24 ? 0.963   8.612   -3.562  1.00 0.00 ? 24 GLN A CB   1 
ATOM 354 C CG   . GLN A 1 24 ? 1.904   9.812   -3.724  1.00 0.00 ? 24 GLN A CG   1 
ATOM 355 C CD   . GLN A 1 24 ? 1.887   10.723  -2.500  1.00 0.00 ? 24 GLN A CD   1 
ATOM 356 O OE1  . GLN A 1 24 ? 1.051   10.572  -1.613  1.00 0.00 ? 24 GLN A OE1  1 
ATOM 357 N NE2  . GLN A 1 24 ? 2.809   11.685  -2.450  1.00 0.00 ? 24 GLN A NE2  1 
ATOM 358 H H    . GLN A 1 24 ? -0.354  9.498   -5.480  1.00 0.00 ? 24 GLN A H    1 
ATOM 359 H HA   . GLN A 1 24 ? 1.809   7.687   -5.299  1.00 0.00 ? 24 GLN A HA   1 
ATOM 360 H HB2  . GLN A 1 24 ? -0.024  8.949   -3.243  1.00 0.00 ? 24 GLN A HB2  1 
ATOM 361 H HB3  . GLN A 1 24 ? 1.375   7.952   -2.796  1.00 0.00 ? 24 GLN A HB3  1 
ATOM 362 H HG2  . GLN A 1 24 ? 2.919   9.443   -3.881  1.00 0.00 ? 24 GLN A HG2  1 
ATOM 363 H HG3  . GLN A 1 24 ? 1.614   10.402  -4.593  1.00 0.00 ? 24 GLN A HG3  1 
ATOM 364 H HE21 . GLN A 1 24 ? 3.479   11.783  -3.198  1.00 0.00 ? 24 GLN A HE21 1 
ATOM 365 H HE22 . GLN A 1 24 ? 2.831   12.312  -1.655  1.00 0.00 ? 24 GLN A HE22 1 
ATOM 366 N N    . ARG A 1 25 ? -1.043  6.424   -4.098  1.00 0.00 ? 25 ARG A N    1 
ATOM 367 C CA   . ARG A 1 25 ? -1.658  5.166   -3.691  1.00 0.00 ? 25 ARG A CA   1 
ATOM 368 C C    . ARG A 1 25 ? -1.876  4.229   -4.883  1.00 0.00 ? 25 ARG A C    1 
ATOM 369 O O    . ARG A 1 25 ? -1.612  3.036   -4.771  1.00 0.00 ? 25 ARG A O    1 
ATOM 370 C CB   . ARG A 1 25 ? -2.922  5.398   -2.855  1.00 0.00 ? 25 ARG A CB   1 
ATOM 371 C CG   . ARG A 1 25 ? -4.147  5.822   -3.671  1.00 0.00 ? 25 ARG A CG   1 
ATOM 372 C CD   . ARG A 1 25 ? -5.324  6.115   -2.737  1.00 0.00 ? 25 ARG A CD   1 
ATOM 373 N NE   . ARG A 1 25 ? -5.077  7.314   -1.926  1.00 0.00 ? 25 ARG A NE   1 
ATOM 374 C CZ   . ARG A 1 25 ? -5.714  7.618   -0.781  1.00 0.00 ? 25 ARG A CZ   1 
ATOM 375 N NH1  . ARG A 1 25 ? -6.588  6.770   -0.220  1.00 0.00 ? 25 ARG A NH1  1 
ATOM 376 N NH2  . ARG A 1 25 ? -5.478  8.792   -0.184  1.00 0.00 ? 25 ARG A NH2  1 
ATOM 377 H H    . ARG A 1 25 ? -1.542  7.286   -3.918  1.00 0.00 ? 25 ARG A H    1 
ATOM 378 H HA   . ARG A 1 25 ? -0.954  4.671   -3.022  1.00 0.00 ? 25 ARG A HA   1 
ATOM 379 H HB2  . ARG A 1 25 ? -3.163  4.470   -2.332  1.00 0.00 ? 25 ARG A HB2  1 
ATOM 380 H HB3  . ARG A 1 25 ? -2.701  6.160   -2.107  1.00 0.00 ? 25 ARG A HB3  1 
ATOM 381 H HG2  . ARG A 1 25 ? -3.918  6.711   -4.254  1.00 0.00 ? 25 ARG A HG2  1 
ATOM 382 H HG3  . ARG A 1 25 ? -4.439  5.016   -4.344  1.00 0.00 ? 25 ARG A HG3  1 
ATOM 383 H HD2  . ARG A 1 25 ? -6.218  6.284   -3.338  1.00 0.00 ? 25 ARG A HD2  1 
ATOM 384 H HD3  . ARG A 1 25 ? -5.486  5.242   -2.104  1.00 0.00 ? 25 ARG A HD3  1 
ATOM 385 H HE   . ARG A 1 25 ? -4.399  7.970   -2.289  1.00 0.00 ? 25 ARG A HE   1 
ATOM 386 H HH11 . ARG A 1 25 ? -6.757  5.860   -0.624  1.00 0.00 ? 25 ARG A HH11 1 
ATOM 387 H HH12 . ARG A 1 25 ? -7.049  7.021   0.643   1.00 0.00 ? 25 ARG A HH12 1 
ATOM 388 H HH21 . ARG A 1 25 ? -4.812  9.445   -0.576  1.00 0.00 ? 25 ARG A HH21 1 
ATOM 389 H HH22 . ARG A 1 25 ? -5.940  9.021   0.683   1.00 0.00 ? 25 ARG A HH22 1 
ATOM 390 N N    . ASN A 1 26 ? -2.312  4.768   -6.030  1.00 0.00 ? 26 ASN A N    1 
ATOM 391 C CA   . ASN A 1 26 ? -2.439  4.002   -7.265  1.00 0.00 ? 26 ASN A CA   1 
ATOM 392 C C    . ASN A 1 26 ? -1.071  3.495   -7.727  1.00 0.00 ? 26 ASN A C    1 
ATOM 393 O O    . ASN A 1 26 ? -0.961  2.349   -8.156  1.00 0.00 ? 26 ASN A O    1 
ATOM 394 C CB   . ASN A 1 26 ? -3.129  4.826   -8.360  1.00 0.00 ? 26 ASN A CB   1 
ATOM 395 C CG   . ASN A 1 26 ? -4.640  4.905   -8.141  1.00 0.00 ? 26 ASN A CG   1 
ATOM 396 O OD1  . ASN A 1 26 ? -5.397  4.186   -8.786  1.00 0.00 ? 26 ASN A OD1  1 
ATOM 397 N ND2  . ASN A 1 26 ? -5.091  5.772   -7.233  1.00 0.00 ? 26 ASN A ND2  1 
ATOM 398 H H    . ASN A 1 26 ? -2.497  5.762   -6.067  1.00 0.00 ? 26 ASN A H    1 
ATOM 399 H HA   . ASN A 1 26 ? -3.065  3.132   -7.072  1.00 0.00 ? 26 ASN A HA   1 
ATOM 400 H HB2  . ASN A 1 26 ? -2.693  5.824   -8.422  1.00 0.00 ? 26 ASN A HB2  1 
ATOM 401 H HB3  . ASN A 1 26 ? -2.964  4.328   -9.317  1.00 0.00 ? 26 ASN A HB3  1 
ATOM 402 H HD21 . ASN A 1 26 ? -4.439  6.356   -6.728  1.00 0.00 ? 26 ASN A HD21 1 
ATOM 403 H HD22 . ASN A 1 26 ? -6.084  5.846   -7.061  1.00 0.00 ? 26 ASN A HD22 1 
ATOM 404 N N    . GLY A 1 27 ? -0.027  4.325   -7.613  1.00 0.00 ? 27 GLY A N    1 
ATOM 405 C CA   . GLY A 1 27 ? 1.346   3.932   -7.891  1.00 0.00 ? 27 GLY A CA   1 
ATOM 406 C C    . GLY A 1 27 ? 1.746   2.705   -7.071  1.00 0.00 ? 27 GLY A C    1 
ATOM 407 O O    . GLY A 1 27 ? 2.237   1.725   -7.626  1.00 0.00 ? 27 GLY A O    1 
ATOM 408 H H    . GLY A 1 27 ? -0.177  5.265   -7.270  1.00 0.00 ? 27 GLY A H    1 
ATOM 409 H HA2  . GLY A 1 27 ? 1.451   3.716   -8.955  1.00 0.00 ? 27 GLY A HA2  1 
ATOM 410 H HA3  . GLY A 1 27 ? 2.008   4.760   -7.633  1.00 0.00 ? 27 GLY A HA3  1 
ATOM 411 N N    . PHE A 1 28 ? 1.509   2.751   -5.754  1.00 0.00 ? 28 PHE A N    1 
ATOM 412 C CA   . PHE A 1 28 ? 1.788   1.640   -4.858  1.00 0.00 ? 28 PHE A CA   1 
ATOM 413 C C    . PHE A 1 28 ? 0.956   0.404   -5.216  1.00 0.00 ? 28 PHE A C    1 
ATOM 414 O O    . PHE A 1 28 ? 1.499   -0.695  -5.205  1.00 0.00 ? 28 PHE A O    1 
ATOM 415 C CB   . PHE A 1 28 ? 1.600   2.058   -3.394  1.00 0.00 ? 28 PHE A CB   1 
ATOM 416 C CG   . PHE A 1 28 ? 2.658   3.015   -2.869  1.00 0.00 ? 28 PHE A CG   1 
ATOM 417 C CD1  . PHE A 1 28 ? 4.008   2.617   -2.837  1.00 0.00 ? 28 PHE A CD1  1 
ATOM 418 C CD2  . PHE A 1 28 ? 2.295   4.276   -2.356  1.00 0.00 ? 28 PHE A CD2  1 
ATOM 419 C CE1  . PHE A 1 28 ? 4.994   3.494   -2.353  1.00 0.00 ? 28 PHE A CE1  1 
ATOM 420 C CE2  . PHE A 1 28 ? 3.282   5.151   -1.868  1.00 0.00 ? 28 PHE A CE2  1 
ATOM 421 C CZ   . PHE A 1 28 ? 4.631   4.759   -1.864  1.00 0.00 ? 28 PHE A CZ   1 
ATOM 422 H H    . PHE A 1 28 ? 1.112   3.594   -5.357  1.00 0.00 ? 28 PHE A H    1 
ATOM 423 H HA   . PHE A 1 28 ? 2.834   1.363   -4.996  1.00 0.00 ? 28 PHE A HA   1 
ATOM 424 H HB2  . PHE A 1 28 ? 0.610   2.500   -3.280  1.00 0.00 ? 28 PHE A HB2  1 
ATOM 425 H HB3  . PHE A 1 28 ? 1.639   1.162   -2.772  1.00 0.00 ? 28 PHE A HB3  1 
ATOM 426 H HD1  . PHE A 1 28 ? 4.301   1.640   -3.190  1.00 0.00 ? 28 PHE A HD1  1 
ATOM 427 H HD2  . PHE A 1 28 ? 1.261   4.577   -2.325  1.00 0.00 ? 28 PHE A HD2  1 
ATOM 428 H HE1  . PHE A 1 28 ? 6.032   3.198   -2.367  1.00 0.00 ? 28 PHE A HE1  1 
ATOM 429 H HE2  . PHE A 1 28 ? 3.004   6.119   -1.477  1.00 0.00 ? 28 PHE A HE2  1 
ATOM 430 H HZ   . PHE A 1 28 ? 5.390   5.424   -1.478  1.00 0.00 ? 28 PHE A HZ   1 
ATOM 431 N N    . ILE A 1 29 ? -0.330  0.562   -5.559  1.00 0.00 ? 29 ILE A N    1 
ATOM 432 C CA   . ILE A 1 29 ? -1.175  -0.547  -6.000  1.00 0.00 ? 29 ILE A CA   1 
ATOM 433 C C    . ILE A 1 29 ? -0.567  -1.229  -7.229  1.00 0.00 ? 29 ILE A C    1 
ATOM 434 O O    . ILE A 1 29 ? -0.471  -2.452  -7.256  1.00 0.00 ? 29 ILE A O    1 
ATOM 435 C CB   . ILE A 1 29 ? -2.622  -0.073  -6.246  1.00 0.00 ? 29 ILE A CB   1 
ATOM 436 C CG1  . ILE A 1 29 ? -3.294  0.186   -4.886  1.00 0.00 ? 29 ILE A CG1  1 
ATOM 437 C CG2  . ILE A 1 29 ? -3.431  -1.108  -7.044  1.00 0.00 ? 29 ILE A CG2  1 
ATOM 438 C CD1  . ILE A 1 29 ? -4.592  0.992   -4.988  1.00 0.00 ? 29 ILE A CD1  1 
ATOM 439 H H    . ILE A 1 29 ? -0.733  1.489   -5.544  1.00 0.00 ? 29 ILE A H    1 
ATOM 440 H HA   . ILE A 1 29 ? -1.207  -1.291  -5.202  1.00 0.00 ? 29 ILE A HA   1 
ATOM 441 H HB   . ILE A 1 29 ? -2.600  0.850   -6.820  1.00 0.00 ? 29 ILE A HB   1 
ATOM 442 H HG12 . ILE A 1 29 ? -3.495  -0.760  -4.384  1.00 0.00 ? 29 ILE A HG12 1 
ATOM 443 H HG13 . ILE A 1 29 ? -2.614  0.758   -4.263  1.00 0.00 ? 29 ILE A HG13 1 
ATOM 444 H HG21 . ILE A 1 29 ? -3.394  -2.077  -6.545  1.00 0.00 ? 29 ILE A HG21 1 
ATOM 445 H HG22 . ILE A 1 29 ? -4.467  -0.791  -7.137  1.00 0.00 ? 29 ILE A HG22 1 
ATOM 446 H HG23 . ILE A 1 29 ? -3.033  -1.212  -8.053  1.00 0.00 ? 29 ILE A HG23 1 
ATOM 447 H HD11 . ILE A 1 29 ? -4.420  1.916   -5.536  1.00 0.00 ? 29 ILE A HD11 1 
ATOM 448 H HD12 . ILE A 1 29 ? -5.373  0.415   -5.481  1.00 0.00 ? 29 ILE A HD12 1 
ATOM 449 H HD13 . ILE A 1 29 ? -4.924  1.240   -3.981  1.00 0.00 ? 29 ILE A HD13 1 
ATOM 450 N N    . GLN A 1 30 ? -0.148  -0.452  -8.235  1.00 0.00 ? 30 GLN A N    1 
ATOM 451 C CA   . GLN A 1 30 ? 0.477   -0.988  -9.438  1.00 0.00 ? 30 GLN A CA   1 
ATOM 452 C C    . GLN A 1 30 ? 1.807   -1.675  -9.117  1.00 0.00 ? 30 GLN A C    1 
ATOM 453 O O    . GLN A 1 30 ? 2.108   -2.713  -9.703  1.00 0.00 ? 30 GLN A O    1 
ATOM 454 C CB   . GLN A 1 30 ? 0.655   0.117   -10.488 1.00 0.00 ? 30 GLN A CB   1 
ATOM 455 C CG   . GLN A 1 30 ? -0.688  0.592   -11.064 1.00 0.00 ? 30 GLN A CG   1 
ATOM 456 C CD   . GLN A 1 30 ? -1.428  -0.519  -11.806 1.00 0.00 ? 30 GLN A CD   1 
ATOM 457 O OE1  . GLN A 1 30 ? -2.457  -1.004  -11.340 1.00 0.00 ? 30 GLN A OE1  1 
ATOM 458 N NE2  . GLN A 1 30 ? -0.906  -0.930  -12.963 1.00 0.00 ? 30 GLN A NE2  1 
ATOM 459 H H    . GLN A 1 30 ? -0.256  0.551   -8.161  1.00 0.00 ? 30 GLN A H    1 
ATOM 460 H HA   . GLN A 1 30 ? -0.181  -1.753  -9.849  1.00 0.00 ? 30 GLN A HA   1 
ATOM 461 H HB2  . GLN A 1 30 ? 1.172   0.965   -10.039 1.00 0.00 ? 30 GLN A HB2  1 
ATOM 462 H HB3  . GLN A 1 30 ? 1.269   -0.262  -11.306 1.00 0.00 ? 30 GLN A HB3  1 
ATOM 463 H HG2  . GLN A 1 30 ? -1.326  0.960   -10.262 1.00 0.00 ? 30 GLN A HG2  1 
ATOM 464 H HG3  . GLN A 1 30 ? -0.503  1.414   -11.756 1.00 0.00 ? 30 GLN A HG3  1 
ATOM 465 H HE21 . GLN A 1 30 ? -0.058  -0.510  -13.313 1.00 0.00 ? 30 GLN A HE21 1 
ATOM 466 H HE22 . GLN A 1 30 ? -1.366  -1.662  -13.486 1.00 0.00 ? 30 GLN A HE22 1 
ATOM 467 N N    . SER A 1 31 ? 2.588   -1.129  -8.177  1.00 0.00 ? 31 SER A N    1 
ATOM 468 C CA   . SER A 1 31 ? 3.812   -1.765  -7.706  1.00 0.00 ? 31 SER A CA   1 
ATOM 469 C C    . SER A 1 31 ? 3.504   -3.124  -7.067  1.00 0.00 ? 31 SER A C    1 
ATOM 470 O O    . SER A 1 31 ? 4.213   -4.095  -7.315  1.00 0.00 ? 31 SER A O    1 
ATOM 471 C CB   . SER A 1 31 ? 4.550   -0.850  -6.720  1.00 0.00 ? 31 SER A CB   1 
ATOM 472 O OG   . SER A 1 31 ? 4.793   0.415   -7.299  1.00 0.00 ? 31 SER A OG   1 
ATOM 473 H H    . SER A 1 31 ? 2.304   -0.261  -7.742  1.00 0.00 ? 31 SER A H    1 
ATOM 474 H HA   . SER A 1 31 ? 4.469   -1.925  -8.563  1.00 0.00 ? 31 SER A HA   1 
ATOM 475 H HB2  . SER A 1 31 ? 3.968   -0.721  -5.808  1.00 0.00 ? 31 SER A HB2  1 
ATOM 476 H HB3  . SER A 1 31 ? 5.506   -1.306  -6.459  1.00 0.00 ? 31 SER A HB3  1 
ATOM 477 H HG   . SER A 1 31 ? 3.952   0.838   -7.492  1.00 0.00 ? 31 SER A HG   1 
ATOM 478 N N    . LEU A 1 32 ? 2.437   -3.190  -6.262  1.00 0.00 ? 32 LEU A N    1 
ATOM 479 C CA   . LEU A 1 32 ? 1.962   -4.403  -5.606  1.00 0.00 ? 32 LEU A CA   1 
ATOM 480 C C    . LEU A 1 32 ? 1.555   -5.443  -6.656  1.00 0.00 ? 32 LEU A C    1 
ATOM 481 O O    . LEU A 1 32 ? 1.963   -6.598  -6.585  1.00 0.00 ? 32 LEU A O    1 
ATOM 482 C CB   . LEU A 1 32 ? 0.775   -4.051  -4.688  1.00 0.00 ? 32 LEU A CB   1 
ATOM 483 C CG   . LEU A 1 32 ? 0.794   -4.778  -3.338  1.00 0.00 ? 32 LEU A CG   1 
ATOM 484 C CD1  . LEU A 1 32 ? -0.402  -4.292  -2.511  1.00 0.00 ? 32 LEU A CD1  1 
ATOM 485 C CD2  . LEU A 1 32 ? 0.717   -6.297  -3.498  1.00 0.00 ? 32 LEU A CD2  1 
ATOM 486 H H    . LEU A 1 32 ? 1.903   -2.345  -6.108  1.00 0.00 ? 32 LEU A H    1 
ATOM 487 H HA   . LEU A 1 32 ? 2.780   -4.797  -5.002  1.00 0.00 ? 32 LEU A HA   1 
ATOM 488 H HB2  . LEU A 1 32 ? 0.795   -2.987  -4.462  1.00 0.00 ? 32 LEU A HB2  1 
ATOM 489 H HB3  . LEU A 1 32 ? -0.168  -4.256  -5.196  1.00 0.00 ? 32 LEU A HB3  1 
ATOM 490 H HG   . LEU A 1 32 ? 1.710   -4.526  -2.802  1.00 0.00 ? 32 LEU A HG   1 
ATOM 491 H HD11 . LEU A 1 32 ? -0.334  -3.216  -2.350  1.00 0.00 ? 32 LEU A HD11 1 
ATOM 492 H HD12 . LEU A 1 32 ? -1.333  -4.520  -3.030  1.00 0.00 ? 32 LEU A HD12 1 
ATOM 493 H HD13 . LEU A 1 32 ? -0.403  -4.790  -1.543  1.00 0.00 ? 32 LEU A HD13 1 
ATOM 494 H HD21 . LEU A 1 32 ? -0.139  -6.563  -4.120  1.00 0.00 ? 32 LEU A HD21 1 
ATOM 495 H HD22 . LEU A 1 32 ? 1.631   -6.675  -3.954  1.00 0.00 ? 32 LEU A HD22 1 
ATOM 496 H HD23 . LEU A 1 32 ? 0.605   -6.762  -2.518  1.00 0.00 ? 32 LEU A HD23 1 
ATOM 497 N N    . LYS A 1 33 ? 0.752   -5.016  -7.637  1.00 0.00 ? 33 LYS A N    1 
ATOM 498 C CA   . LYS A 1 33 ? 0.250   -5.840  -8.726  1.00 0.00 ? 33 LYS A CA   1 
ATOM 499 C C    . LYS A 1 33 ? 1.407   -6.438  -9.530  1.00 0.00 ? 33 LYS A C    1 
ATOM 500 O O    . LYS A 1 33 ? 1.405   -7.633  -9.820  1.00 0.00 ? 33 LYS A O    1 
ATOM 501 C CB   . LYS A 1 33 ? -0.670  -4.980  -9.603  1.00 0.00 ? 33 LYS A CB   1 
ATOM 502 C CG   . LYS A 1 33 ? -1.331  -5.780  -10.730 1.00 0.00 ? 33 LYS A CG   1 
ATOM 503 C CD   . LYS A 1 33 ? -2.267  -4.867  -11.533 1.00 0.00 ? 33 LYS A CD   1 
ATOM 504 C CE   . LYS A 1 33 ? -2.977  -5.624  -12.659 1.00 0.00 ? 33 LYS A CE   1 
ATOM 505 N NZ   . LYS A 1 33 ? -2.032  -6.102  -13.683 1.00 0.00 ? 33 LYS A NZ   1 
ATOM 506 H H    . LYS A 1 33 ? 0.463   -4.048  -7.625  1.00 0.00 ? 33 LYS A H    1 
ATOM 507 H HA   . LYS A 1 33 ? -0.340  -6.651  -8.298  1.00 0.00 ? 33 LYS A HA   1 
ATOM 508 H HB2  . LYS A 1 33 ? -1.451  -4.551  -8.975  1.00 0.00 ? 33 LYS A HB2  1 
ATOM 509 H HB3  . LYS A 1 33 ? -0.094  -4.166  -10.045 1.00 0.00 ? 33 LYS A HB3  1 
ATOM 510 H HG2  . LYS A 1 33 ? -0.562  -6.185  -11.388 1.00 0.00 ? 33 LYS A HG2  1 
ATOM 511 H HG3  . LYS A 1 33 ? -1.904  -6.604  -10.300 1.00 0.00 ? 33 LYS A HG3  1 
ATOM 512 H HD2  . LYS A 1 33 ? -3.025  -4.458  -10.861 1.00 0.00 ? 33 LYS A HD2  1 
ATOM 513 H HD3  . LYS A 1 33 ? -1.697  -4.039  -11.956 1.00 0.00 ? 33 LYS A HD3  1 
ATOM 514 H HE2  . LYS A 1 33 ? -3.520  -6.474  -12.247 1.00 0.00 ? 33 LYS A HE2  1 
ATOM 515 H HE3  . LYS A 1 33 ? -3.691  -4.952  -13.138 1.00 0.00 ? 33 LYS A HE3  1 
ATOM 516 H HZ1  . LYS A 1 33 ? -1.524  -5.319  -14.068 1.00 0.00 ? 33 LYS A HZ1  1 
ATOM 517 H HZ2  . LYS A 1 33 ? -1.380  -6.753  -13.268 1.00 0.00 ? 33 LYS A HZ2  1 
ATOM 518 H HZ3  . LYS A 1 33 ? -2.542  -6.567  -14.421 1.00 0.00 ? 33 LYS A HZ3  1 
ATOM 519 N N    . ASP A 1 34 ? 2.392   -5.604  -9.882  1.00 0.00 ? 34 ASP A N    1 
ATOM 520 C CA   . ASP A 1 34 ? 3.566   -6.010  -10.641 1.00 0.00 ? 34 ASP A CA   1 
ATOM 521 C C    . ASP A 1 34 ? 4.441   -6.969  -9.829  1.00 0.00 ? 34 ASP A C    1 
ATOM 522 O O    . ASP A 1 34 ? 4.899   -7.977  -10.361 1.00 0.00 ? 34 ASP A O    1 
ATOM 523 C CB   . ASP A 1 34 ? 4.352   -4.762  -11.060 1.00 0.00 ? 34 ASP A CB   1 
ATOM 524 C CG   . ASP A 1 34 ? 5.515   -5.122  -11.981 1.00 0.00 ? 34 ASP A CG   1 
ATOM 525 O OD1  . ASP A 1 34 ? 5.254   -5.262  -13.196 1.00 0.00 ? 34 ASP A OD1  1 
ATOM 526 O OD2  . ASP A 1 34 ? 6.642   -5.256  -11.457 1.00 0.00 ? 34 ASP A OD2  1 
ATOM 527 H H    . ASP A 1 34 ? 2.323   -4.631  -9.615  1.00 0.00 ? 34 ASP A H    1 
ATOM 528 H HA   . ASP A 1 34 ? 3.230   -6.518  -11.546 1.00 0.00 ? 34 ASP A HA   1 
ATOM 529 H HB2  . ASP A 1 34 ? 3.687   -4.080  -11.592 1.00 0.00 ? 34 ASP A HB2  1 
ATOM 530 H HB3  . ASP A 1 34 ? 4.735   -4.250  -10.176 1.00 0.00 ? 34 ASP A HB3  1 
ATOM 531 N N    . ASP A 1 35 ? 4.674   -6.641  -8.552  1.00 0.00 ? 35 ASP A N    1 
ATOM 532 C CA   . ASP A 1 35 ? 5.535   -7.383  -7.642  1.00 0.00 ? 35 ASP A CA   1 
ATOM 533 C C    . ASP A 1 35 ? 4.709   -7.897  -6.456  1.00 0.00 ? 35 ASP A C    1 
ATOM 534 O O    . ASP A 1 35 ? 4.788   -7.322  -5.370  1.00 0.00 ? 35 ASP A O    1 
ATOM 535 C CB   . ASP A 1 35 ? 6.674   -6.471  -7.165  1.00 0.00 ? 35 ASP A CB   1 
ATOM 536 C CG   . ASP A 1 35 ? 7.510   -5.934  -8.322  1.00 0.00 ? 35 ASP A CG   1 
ATOM 537 O OD1  . ASP A 1 35 ? 8.278   -6.740  -8.890  1.00 0.00 ? 35 ASP A OD1  1 
ATOM 538 O OD2  . ASP A 1 35 ? 7.371   -4.725  -8.611  1.00 0.00 ? 35 ASP A OD2  1 
ATOM 539 H H    . ASP A 1 35 ? 4.254   -5.795  -8.190  1.00 0.00 ? 35 ASP A H    1 
ATOM 540 H HA   . ASP A 1 35 ? 6.009   -8.224  -8.146  1.00 0.00 ? 35 ASP A HA   1 
ATOM 541 H HB2  . ASP A 1 35 ? 6.270   -5.628  -6.603  1.00 0.00 ? 35 ASP A HB2  1 
ATOM 542 H HB3  . ASP A 1 35 ? 7.324   -7.048  -6.509  1.00 0.00 ? 35 ASP A HB3  1 
ATOM 543 N N    . PRO A 1 36 ? 3.927   -8.978  -6.626  1.00 0.00 ? 36 PRO A N    1 
ATOM 544 C CA   . PRO A 1 36 ? 3.117   -9.545  -5.554  1.00 0.00 ? 36 PRO A CA   1 
ATOM 545 C C    . PRO A 1 36 ? 3.993   -10.099 -4.428  1.00 0.00 ? 36 PRO A C    1 
ATOM 546 O O    . PRO A 1 36 ? 3.594   -10.069 -3.266  1.00 0.00 ? 36 PRO A O    1 
ATOM 547 C CB   . PRO A 1 36 ? 2.260   -10.628 -6.212  1.00 0.00 ? 36 PRO A CB   1 
ATOM 548 C CG   . PRO A 1 36 ? 3.098   -11.060 -7.414  1.00 0.00 ? 36 PRO A CG   1 
ATOM 549 C CD   . PRO A 1 36 ? 3.777   -9.760  -7.842  1.00 0.00 ? 36 PRO A CD   1 
ATOM 550 H HA   . PRO A 1 36 ? 2.461   -8.780  -5.136  1.00 0.00 ? 36 PRO A HA   1 
ATOM 551 H HB2  . PRO A 1 36 ? 2.037   -11.460 -5.544  1.00 0.00 ? 36 PRO A HB2  1 
ATOM 552 H HB3  . PRO A 1 36 ? 1.332   -10.179 -6.571  1.00 0.00 ? 36 PRO A HB3  1 
ATOM 553 H HG2  . PRO A 1 36 ? 3.853   -11.777 -7.089  1.00 0.00 ? 36 PRO A HG2  1 
ATOM 554 H HG3  . PRO A 1 36 ? 2.489   -11.490 -8.210  1.00 0.00 ? 36 PRO A HG3  1 
ATOM 555 H HD2  . PRO A 1 36 ? 4.729   -9.993  -8.317  1.00 0.00 ? 36 PRO A HD2  1 
ATOM 556 H HD3  . PRO A 1 36 ? 3.129   -9.224  -8.535  1.00 0.00 ? 36 PRO A HD3  1 
ATOM 557 N N    . SER A 1 37 ? 5.201   -10.569 -4.764  1.00 0.00 ? 37 SER A N    1 
ATOM 558 C CA   . SER A 1 37 ? 6.220   -10.951 -3.797  1.00 0.00 ? 37 SER A CA   1 
ATOM 559 C C    . SER A 1 37 ? 6.527   -9.809  -2.819  1.00 0.00 ? 37 SER A C    1 
ATOM 560 O O    . SER A 1 37 ? 6.710   -10.054 -1.628  1.00 0.00 ? 37 SER A O    1 
ATOM 561 C CB   . SER A 1 37 ? 7.486   -11.394 -4.540  1.00 0.00 ? 37 SER A CB   1 
ATOM 562 O OG   . SER A 1 37 ? 7.949   -10.375 -5.406  1.00 0.00 ? 37 SER A OG   1 
ATOM 563 H H    . SER A 1 37 ? 5.458   -10.589 -5.739  1.00 0.00 ? 37 SER A H    1 
ATOM 564 H HA   . SER A 1 37 ? 5.851   -11.803 -3.224  1.00 0.00 ? 37 SER A HA   1 
ATOM 565 H HB2  . SER A 1 37 ? 8.267   -11.629 -3.815  1.00 0.00 ? 37 SER A HB2  1 
ATOM 566 H HB3  . SER A 1 37 ? 7.272   -12.288 -5.126  1.00 0.00 ? 37 SER A HB3  1 
ATOM 567 H HG   . SER A 1 37 ? 7.322   -10.265 -6.124  1.00 0.00 ? 37 SER A HG   1 
ATOM 568 N N    . GLN A 1 38 ? 6.570   -8.565  -3.316  1.00 0.00 ? 38 GLN A N    1 
ATOM 569 C CA   . GLN A 1 38 ? 6.948   -7.388  -2.546  1.00 0.00 ? 38 GLN A CA   1 
ATOM 570 C C    . GLN A 1 38 ? 5.735   -6.735  -1.870  1.00 0.00 ? 38 GLN A C    1 
ATOM 571 O O    . GLN A 1 38 ? 5.665   -5.510  -1.790  1.00 0.00 ? 38 GLN A O    1 
ATOM 572 C CB   . GLN A 1 38 ? 7.676   -6.401  -3.470  1.00 0.00 ? 38 GLN A CB   1 
ATOM 573 C CG   . GLN A 1 38 ? 9.004   -6.967  -3.986  1.00 0.00 ? 38 GLN A CG   1 
ATOM 574 C CD   . GLN A 1 38 ? 9.789   -5.900  -4.745  1.00 0.00 ? 38 GLN A CD   1 
ATOM 575 O OE1  . GLN A 1 38 ? 10.206  -4.904  -4.158  1.00 0.00 ? 38 GLN A OE1  1 
ATOM 576 N NE2  . GLN A 1 38 ? 9.994   -6.096  -6.050  1.00 0.00 ? 38 GLN A NE2  1 
ATOM 577 H H    . GLN A 1 38 ? 6.355   -8.426  -4.294  1.00 0.00 ? 38 GLN A H    1 
ATOM 578 H HA   . GLN A 1 38 ? 7.643   -7.674  -1.755  1.00 0.00 ? 38 GLN A HA   1 
ATOM 579 H HB2  . GLN A 1 38 ? 7.033   -6.141  -4.310  1.00 0.00 ? 38 GLN A HB2  1 
ATOM 580 H HB3  . GLN A 1 38 ? 7.898   -5.489  -2.924  1.00 0.00 ? 38 GLN A HB3  1 
ATOM 581 H HG2  . GLN A 1 38 ? 9.608   -7.290  -3.137  1.00 0.00 ? 38 GLN A HG2  1 
ATOM 582 H HG3  . GLN A 1 38 ? 8.820   -7.827  -4.628  1.00 0.00 ? 38 GLN A HG3  1 
ATOM 583 H HE21 . GLN A 1 38 ? 9.641   -6.928  -6.503  1.00 0.00 ? 38 GLN A HE21 1 
ATOM 584 H HE22 . GLN A 1 38 ? 10.506  -5.409  -6.582  1.00 0.00 ? 38 GLN A HE22 1 
ATOM 585 N N    . SER A 1 39 ? 4.802   -7.537  -1.339  1.00 0.00 ? 39 SER A N    1 
ATOM 586 C CA   . SER A 1 39 ? 3.668   -7.030  -0.572  1.00 0.00 ? 39 SER A CA   1 
ATOM 587 C C    . SER A 1 39 ? 4.157   -6.226  0.635   1.00 0.00 ? 39 SER A C    1 
ATOM 588 O O    . SER A 1 39 ? 3.730   -5.090  0.833   1.00 0.00 ? 39 SER A O    1 
ATOM 589 C CB   . SER A 1 39 ? 2.774   -8.189  -0.118  1.00 0.00 ? 39 SER A CB   1 
ATOM 590 O OG   . SER A 1 39 ? 2.129   -8.775  -1.226  1.00 0.00 ? 39 SER A OG   1 
ATOM 591 H H    . SER A 1 39 ? 4.907   -8.538  -1.425  1.00 0.00 ? 39 SER A H    1 
ATOM 592 H HA   . SER A 1 39 ? 3.077   -6.371  -1.209  1.00 0.00 ? 39 SER A HA   1 
ATOM 593 H HB2  . SER A 1 39 ? 3.363   -8.945  0.404   1.00 0.00 ? 39 SER A HB2  1 
ATOM 594 H HB3  . SER A 1 39 ? 2.006   -7.812  0.558   1.00 0.00 ? 39 SER A HB3  1 
ATOM 595 H HG   . SER A 1 39 ? 2.792   -9.093  -1.846  1.00 0.00 ? 39 SER A HG   1 
ATOM 596 N N    . ALA A 1 40 ? 5.060   -6.816  1.428   1.00 0.00 ? 40 ALA A N    1 
ATOM 597 C CA   . ALA A 1 40 ? 5.613   -6.213  2.633   1.00 0.00 ? 40 ALA A CA   1 
ATOM 598 C C    . ALA A 1 40 ? 6.364   -4.914  2.329   1.00 0.00 ? 40 ALA A C    1 
ATOM 599 O O    . ALA A 1 40 ? 6.198   -3.930  3.047   1.00 0.00 ? 40 ALA A O    1 
ATOM 600 C CB   . ALA A 1 40 ? 6.532   -7.221  3.328   1.00 0.00 ? 40 ALA A CB   1 
ATOM 601 H H    . ALA A 1 40 ? 5.370   -7.748  1.191   1.00 0.00 ? 40 ALA A H    1 
ATOM 602 H HA   . ALA A 1 40 ? 4.789   -5.988  3.313   1.00 0.00 ? 40 ALA A HA   1 
ATOM 603 H HB1  . ALA A 1 40 ? 5.971   -8.122  3.577   1.00 0.00 ? 40 ALA A HB1  1 
ATOM 604 H HB2  . ALA A 1 40 ? 7.363   -7.486  2.672   1.00 0.00 ? 40 ALA A HB2  1 
ATOM 605 H HB3  . ALA A 1 40 ? 6.927   -6.783  4.246   1.00 0.00 ? 40 ALA A HB3  1 
ATOM 606 N N    . ASN A 1 41 ? 7.191   -4.910  1.277   1.00 0.00 ? 41 ASN A N    1 
ATOM 607 C CA   . ASN A 1 41 ? 7.978   -3.745  0.894   1.00 0.00 ? 41 ASN A CA   1 
ATOM 608 C C    . ASN A 1 41 ? 7.059   -2.599  0.469   1.00 0.00 ? 41 ASN A C    1 
ATOM 609 O O    . ASN A 1 41 ? 7.156   -1.506  1.019   1.00 0.00 ? 41 ASN A O    1 
ATOM 610 C CB   . ASN A 1 41 ? 8.962   -4.121  -0.220  1.00 0.00 ? 41 ASN A CB   1 
ATOM 611 C CG   . ASN A 1 41 ? 9.825   -2.941  -0.669  1.00 0.00 ? 41 ASN A CG   1 
ATOM 612 O OD1  . ASN A 1 41 ? 10.120  -2.043  0.116   1.00 0.00 ? 41 ASN A OD1  1 
ATOM 613 N ND2  . ASN A 1 41 ? 10.237  -2.937  -1.938  1.00 0.00 ? 41 ASN A ND2  1 
ATOM 614 H H    . ASN A 1 41 ? 7.278   -5.746  0.718   1.00 0.00 ? 41 ASN A H    1 
ATOM 615 H HA   . ASN A 1 41 ? 8.557   -3.426  1.764   1.00 0.00 ? 41 ASN A HA   1 
ATOM 616 H HB2  . ASN A 1 41 ? 9.617   -4.918  0.130   1.00 0.00 ? 41 ASN A HB2  1 
ATOM 617 H HB3  . ASN A 1 41 ? 8.391   -4.487  -1.070  1.00 0.00 ? 41 ASN A HB3  1 
ATOM 618 H HD21 . ASN A 1 41 ? 9.997   -3.695  -2.566  1.00 0.00 ? 41 ASN A HD21 1 
ATOM 619 H HD22 . ASN A 1 41 ? 10.799  -2.168  -2.272  1.00 0.00 ? 41 ASN A HD22 1 
ATOM 620 N N    . VAL A 1 42 ? 6.157   -2.855  -0.489  1.00 0.00 ? 42 VAL A N    1 
ATOM 621 C CA   . VAL A 1 42 ? 5.194   -1.872  -0.976  1.00 0.00 ? 42 VAL A CA   1 
ATOM 622 C C    . VAL A 1 42 ? 4.364   -1.307  0.180   1.00 0.00 ? 42 VAL A C    1 
ATOM 623 O O    . VAL A 1 42 ? 4.191   -0.093  0.269   1.00 0.00 ? 42 VAL A O    1 
ATOM 624 C CB   . VAL A 1 42 ? 4.323   -2.503  -2.076  1.00 0.00 ? 42 VAL A CB   1 
ATOM 625 C CG1  . VAL A 1 42 ? 3.135   -1.609  -2.451  1.00 0.00 ? 42 VAL A CG1  1 
ATOM 626 C CG2  . VAL A 1 42 ? 5.161   -2.737  -3.341  1.00 0.00 ? 42 VAL A CG2  1 
ATOM 627 H H    . VAL A 1 42 ? 6.116   -3.784  -0.887  1.00 0.00 ? 42 VAL A H    1 
ATOM 628 H HA   . VAL A 1 42 ? 5.745   -1.042  -1.420  1.00 0.00 ? 42 VAL A HA   1 
ATOM 629 H HB   . VAL A 1 42 ? 3.929   -3.457  -1.723  1.00 0.00 ? 42 VAL A HB   1 
ATOM 630 H HG11 . VAL A 1 42 ? 3.487   -0.620  -2.744  1.00 0.00 ? 42 VAL A HG11 1 
ATOM 631 H HG12 . VAL A 1 42 ? 2.603   -2.059  -3.286  1.00 0.00 ? 42 VAL A HG12 1 
ATOM 632 H HG13 . VAL A 1 42 ? 2.440   -1.514  -1.616  1.00 0.00 ? 42 VAL A HG13 1 
ATOM 633 H HG21 . VAL A 1 42 ? 6.043   -3.336  -3.120  1.00 0.00 ? 42 VAL A HG21 1 
ATOM 634 H HG22 . VAL A 1 42 ? 4.564   -3.259  -4.088  1.00 0.00 ? 42 VAL A HG22 1 
ATOM 635 H HG23 . VAL A 1 42 ? 5.486   -1.780  -3.753  1.00 0.00 ? 42 VAL A HG23 1 
ATOM 636 N N    . LEU A 1 43 ? 3.877   -2.179  1.073   1.00 0.00 ? 43 LEU A N    1 
ATOM 637 C CA   . LEU A 1 43 ? 3.146   -1.789  2.271   1.00 0.00 ? 43 LEU A CA   1 
ATOM 638 C C    . LEU A 1 43 ? 3.982   -0.836  3.131   1.00 0.00 ? 43 LEU A C    1 
ATOM 639 O O    . LEU A 1 43 ? 3.489   0.216   3.531   1.00 0.00 ? 43 LEU A O    1 
ATOM 640 C CB   . LEU A 1 43 ? 2.737   -3.052  3.045   1.00 0.00 ? 43 LEU A CB   1 
ATOM 641 C CG   . LEU A 1 43 ? 2.053   -2.781  4.394   1.00 0.00 ? 43 LEU A CG   1 
ATOM 642 C CD1  . LEU A 1 43 ? 0.798   -1.922  4.228   1.00 0.00 ? 43 LEU A CD1  1 
ATOM 643 C CD2  . LEU A 1 43 ? 1.672   -4.120  5.038   1.00 0.00 ? 43 LEU A CD2  1 
ATOM 644 H H    . LEU A 1 43 ? 4.047   -3.166  0.933   1.00 0.00 ? 43 LEU A H    1 
ATOM 645 H HA   . LEU A 1 43 ? 2.241   -1.270  1.951   1.00 0.00 ? 43 LEU A HA   1 
ATOM 646 H HB2  . LEU A 1 43 ? 2.060   -3.633  2.419   1.00 0.00 ? 43 LEU A HB2  1 
ATOM 647 H HB3  . LEU A 1 43 ? 3.626   -3.653  3.235   1.00 0.00 ? 43 LEU A HB3  1 
ATOM 648 H HG   . LEU A 1 43 ? 2.745   -2.271  5.065   1.00 0.00 ? 43 LEU A HG   1 
ATOM 649 H HD11 . LEU A 1 43 ? 0.151   -2.366  3.474   1.00 0.00 ? 43 LEU A HD11 1 
ATOM 650 H HD12 . LEU A 1 43 ? 0.267   -1.862  5.177   1.00 0.00 ? 43 LEU A HD12 1 
ATOM 651 H HD13 . LEU A 1 43 ? 1.066   -0.914  3.918   1.00 0.00 ? 43 LEU A HD13 1 
ATOM 652 H HD21 . LEU A 1 43 ? 2.565   -4.731  5.176   1.00 0.00 ? 43 LEU A HD21 1 
ATOM 653 H HD22 . LEU A 1 43 ? 1.213   -3.945  6.012   1.00 0.00 ? 43 LEU A HD22 1 
ATOM 654 H HD23 . LEU A 1 43 ? 0.967   -4.657  4.403   1.00 0.00 ? 43 LEU A HD23 1 
ATOM 655 N N    . GLY A 1 44 ? 5.240   -1.198  3.408   1.00 0.00 ? 44 GLY A N    1 
ATOM 656 C CA   . GLY A 1 44 ? 6.160   -0.400  4.205   1.00 0.00 ? 44 GLY A CA   1 
ATOM 657 C C    . GLY A 1 44 ? 6.370   0.993   3.612   1.00 0.00 ? 44 GLY A C    1 
ATOM 658 O O    . GLY A 1 44 ? 6.228   1.991   4.315   1.00 0.00 ? 44 GLY A O    1 
ATOM 659 H H    . GLY A 1 44 ? 5.583   -2.079  3.046   1.00 0.00 ? 44 GLY A H    1 
ATOM 660 H HA2  . GLY A 1 44 ? 5.769   -0.312  5.220   1.00 0.00 ? 44 GLY A HA2  1 
ATOM 661 H HA3  . GLY A 1 44 ? 7.121   -0.913  4.245   1.00 0.00 ? 44 GLY A HA3  1 
ATOM 662 N N    . GLU A 1 45 ? 6.701   1.057   2.318   1.00 0.00 ? 45 GLU A N    1 
ATOM 663 C CA   . GLU A 1 45 ? 6.933   2.296   1.587   1.00 0.00 ? 45 GLU A CA   1 
ATOM 664 C C    . GLU A 1 45 ? 5.690   3.187   1.620   1.00 0.00 ? 45 GLU A C    1 
ATOM 665 O O    . GLU A 1 45 ? 5.790   4.376   1.912   1.00 0.00 ? 45 GLU A O    1 
ATOM 666 C CB   . GLU A 1 45 ? 7.323   1.974   0.139   1.00 0.00 ? 45 GLU A CB   1 
ATOM 667 C CG   . GLU A 1 45 ? 8.690   1.286   0.047   1.00 0.00 ? 45 GLU A CG   1 
ATOM 668 C CD   . GLU A 1 45 ? 8.948   0.772   -1.366  1.00 0.00 ? 45 GLU A CD   1 
ATOM 669 O OE1  . GLU A 1 45 ? 8.299   -0.232  -1.735  1.00 0.00 ? 45 GLU A OE1  1 
ATOM 670 O OE2  . GLU A 1 45 ? 9.785   1.393   -2.057  1.00 0.00 ? 45 GLU A OE2  1 
ATOM 671 H H    . GLU A 1 45 ? 6.792   0.190   1.804   1.00 0.00 ? 45 GLU A H    1 
ATOM 672 H HA   . GLU A 1 45 ? 7.759   2.833   2.058   1.00 0.00 ? 45 GLU A HA   1 
ATOM 673 H HB2  . GLU A 1 45 ? 6.557   1.335   -0.303  1.00 0.00 ? 45 GLU A HB2  1 
ATOM 674 H HB3  . GLU A 1 45 ? 7.375   2.904   -0.426  1.00 0.00 ? 45 GLU A HB3  1 
ATOM 675 H HG2  . GLU A 1 45 ? 9.467   1.999   0.326   1.00 0.00 ? 45 GLU A HG2  1 
ATOM 676 H HG3  . GLU A 1 45 ? 8.745   0.443   0.734   1.00 0.00 ? 45 GLU A HG3  1 
ATOM 677 N N    . ALA A 1 46 ? 4.520   2.608   1.327   1.00 0.00 ? 46 ALA A N    1 
ATOM 678 C CA   . ALA A 1 46 ? 3.250   3.316   1.338   1.00 0.00 ? 46 ALA A CA   1 
ATOM 679 C C    . ALA A 1 46 ? 2.940   3.878   2.725   1.00 0.00 ? 46 ALA A C    1 
ATOM 680 O O    . ALA A 1 46 ? 2.557   5.040   2.842   1.00 0.00 ? 46 ALA A O    1 
ATOM 681 C CB   . ALA A 1 46 ? 2.138   2.386   0.850   1.00 0.00 ? 46 ALA A CB   1 
ATOM 682 H H    . ALA A 1 46 ? 4.505   1.626   1.090   1.00 0.00 ? 46 ALA A H    1 
ATOM 683 H HA   . ALA A 1 46 ? 3.316   4.152   0.644   1.00 0.00 ? 46 ALA A HA   1 
ATOM 684 H HB1  . ALA A 1 46 ? 2.392   1.995   -0.135  1.00 0.00 ? 46 ALA A HB1  1 
ATOM 685 H HB2  . ALA A 1 46 ? 2.014   1.554   1.544   1.00 0.00 ? 46 ALA A HB2  1 
ATOM 686 H HB3  . ALA A 1 46 ? 1.202   2.940   0.778   1.00 0.00 ? 46 ALA A HB3  1 
ATOM 687 N N    . GLN A 1 47 ? 3.117   3.062   3.771   1.00 0.00 ? 47 GLN A N    1 
ATOM 688 C CA   . GLN A 1 47 ? 2.878   3.459   5.151   1.00 0.00 ? 47 GLN A CA   1 
ATOM 689 C C    . GLN A 1 47 ? 3.816   4.594   5.563   1.00 0.00 ? 47 GLN A C    1 
ATOM 690 O O    . GLN A 1 47 ? 3.382   5.527   6.234   1.00 0.00 ? 47 GLN A O    1 
ATOM 691 C CB   . GLN A 1 47 ? 3.025   2.241   6.076   1.00 0.00 ? 47 GLN A CB   1 
ATOM 692 C CG   . GLN A 1 47 ? 2.741   2.556   7.552   1.00 0.00 ? 47 GLN A CG   1 
ATOM 693 C CD   . GLN A 1 47 ? 1.316   3.061   7.784   1.00 0.00 ? 47 GLN A CD   1 
ATOM 694 O OE1  . GLN A 1 47 ? 0.413   2.273   8.050   1.00 0.00 ? 47 GLN A OE1  1 
ATOM 695 N NE2  . GLN A 1 47 ? 1.112   4.378   7.694   1.00 0.00 ? 47 GLN A NE2  1 
ATOM 696 H H    . GLN A 1 47 ? 3.436   2.118   3.605   1.00 0.00 ? 47 GLN A H    1 
ATOM 697 H HA   . GLN A 1 47 ? 1.851   3.819   5.207   1.00 0.00 ? 47 GLN A HA   1 
ATOM 698 H HB2  . GLN A 1 47 ? 2.338   1.460   5.753   1.00 0.00 ? 47 GLN A HB2  1 
ATOM 699 H HB3  . GLN A 1 47 ? 4.042   1.855   5.998   1.00 0.00 ? 47 GLN A HB3  1 
ATOM 700 H HG2  . GLN A 1 47 ? 2.874   1.637   8.124   1.00 0.00 ? 47 GLN A HG2  1 
ATOM 701 H HG3  . GLN A 1 47 ? 3.457   3.287   7.928   1.00 0.00 ? 47 GLN A HG3  1 
ATOM 702 H HE21 . GLN A 1 47 ? 1.879   4.991   7.451   1.00 0.00 ? 47 GLN A HE21 1 
ATOM 703 H HE22 . GLN A 1 47 ? 0.185   4.749   7.847   1.00 0.00 ? 47 GLN A HE22 1 
ATOM 704 N N    . LYS A 1 48 ? 5.089   4.520   5.161   1.00 0.00 ? 48 LYS A N    1 
ATOM 705 C CA   . LYS A 1 48 ? 6.076   5.554   5.430   1.00 0.00 ? 48 LYS A CA   1 
ATOM 706 C C    . LYS A 1 48 ? 5.668   6.869   4.760   1.00 0.00 ? 48 LYS A C    1 
ATOM 707 O O    . LYS A 1 48 ? 5.714   7.921   5.394   1.00 0.00 ? 48 LYS A O    1 
ATOM 708 C CB   . LYS A 1 48 ? 7.457   5.075   4.961   1.00 0.00 ? 48 LYS A CB   1 
ATOM 709 C CG   . LYS A 1 48 ? 8.557   6.081   5.319   1.00 0.00 ? 48 LYS A CG   1 
ATOM 710 C CD   . LYS A 1 48 ? 9.929   5.539   4.898   1.00 0.00 ? 48 LYS A CD   1 
ATOM 711 C CE   . LYS A 1 48 ? 11.062  6.498   5.278   1.00 0.00 ? 48 LYS A CE   1 
ATOM 712 N NZ   . LYS A 1 48 ? 10.970  7.778   4.554   1.00 0.00 ? 48 LYS A NZ   1 
ATOM 713 H H    . LYS A 1 48 ? 5.388   3.713   4.627   1.00 0.00 ? 48 LYS A H    1 
ATOM 714 H HA   . LYS A 1 48 ? 6.122   5.709   6.508   1.00 0.00 ? 48 LYS A HA   1 
ATOM 715 H HB2  . LYS A 1 48 ? 7.681   4.124   5.448   1.00 0.00 ? 48 LYS A HB2  1 
ATOM 716 H HB3  . LYS A 1 48 ? 7.451   4.921   3.882   1.00 0.00 ? 48 LYS A HB3  1 
ATOM 717 H HG2  . LYS A 1 48 ? 8.368   7.024   4.806   1.00 0.00 ? 48 LYS A HG2  1 
ATOM 718 H HG3  . LYS A 1 48 ? 8.552   6.254   6.396   1.00 0.00 ? 48 LYS A HG3  1 
ATOM 719 H HD2  . LYS A 1 48 ? 10.102  4.585   5.399   1.00 0.00 ? 48 LYS A HD2  1 
ATOM 720 H HD3  . LYS A 1 48 ? 9.942   5.373   3.820   1.00 0.00 ? 48 LYS A HD3  1 
ATOM 721 H HE2  . LYS A 1 48 ? 11.037  6.690   6.351   1.00 0.00 ? 48 LYS A HE2  1 
ATOM 722 H HE3  . LYS A 1 48 ? 12.016  6.031   5.029   1.00 0.00 ? 48 LYS A HE3  1 
ATOM 723 H HZ1  . LYS A 1 48 ? 10.991  7.606   3.560   1.00 0.00 ? 48 LYS A HZ1  1 
ATOM 724 H HZ2  . LYS A 1 48 ? 10.108  8.245   4.797   1.00 0.00 ? 48 LYS A HZ2  1 
ATOM 725 H HZ3  . LYS A 1 48 ? 11.751  8.365   4.810   1.00 0.00 ? 48 LYS A HZ3  1 
ATOM 726 N N    . LEU A 1 49 ? 5.265   6.812   3.484   1.00 0.00 ? 49 LEU A N    1 
ATOM 727 C CA   . LEU A 1 49 ? 4.871   7.996   2.733   1.00 0.00 ? 49 LEU A CA   1 
ATOM 728 C C    . LEU A 1 49 ? 3.599   8.617   3.326   1.00 0.00 ? 49 LEU A C    1 
ATOM 729 O O    . LEU A 1 49 ? 3.507   9.836   3.454   1.00 0.00 ? 49 LEU A O    1 
ATOM 730 C CB   . LEU A 1 49 ? 4.729   7.660   1.240   1.00 0.00 ? 49 LEU A CB   1 
ATOM 731 C CG   . LEU A 1 49 ? 4.953   8.898   0.355   1.00 0.00 ? 49 LEU A CG   1 
ATOM 732 C CD1  . LEU A 1 49 ? 6.448   9.195   0.184   1.00 0.00 ? 49 LEU A CD1  1 
ATOM 733 C CD2  . LEU A 1 49 ? 4.353   8.689   -1.037  1.00 0.00 ? 49 LEU A CD2  1 
ATOM 734 H H    . LEU A 1 49 ? 5.254   5.919   3.008   1.00 0.00 ? 49 LEU A H    1 
ATOM 735 H HA   . LEU A 1 49 ? 5.682   8.713   2.836   1.00 0.00 ? 49 LEU A HA   1 
ATOM 736 H HB2  . LEU A 1 49 ? 5.464   6.904   0.957   1.00 0.00 ? 49 LEU A HB2  1 
ATOM 737 H HB3  . LEU A 1 49 ? 3.738   7.244   1.065   1.00 0.00 ? 49 LEU A HB3  1 
ATOM 738 H HG   . LEU A 1 49 ? 4.473   9.764   0.808   1.00 0.00 ? 49 LEU A HG   1 
ATOM 739 H HD11 . LEU A 1 49 ? 6.938   8.343   -0.288  1.00 0.00 ? 49 LEU A HD11 1 
ATOM 740 H HD12 . LEU A 1 49 ? 6.574   10.073  -0.450  1.00 0.00 ? 49 LEU A HD12 1 
ATOM 741 H HD13 . LEU A 1 49 ? 6.921   9.394   1.144   1.00 0.00 ? 49 LEU A HD13 1 
ATOM 742 H HD21 . LEU A 1 49 ? 4.811   7.826   -1.518  1.00 0.00 ? 49 LEU A HD21 1 
ATOM 743 H HD22 . LEU A 1 49 ? 3.279   8.536   -0.958  1.00 0.00 ? 49 LEU A HD22 1 
ATOM 744 H HD23 . LEU A 1 49 ? 4.536   9.571   -1.650  1.00 0.00 ? 49 LEU A HD23 1 
ATOM 745 N N    . ASN A 1 50 ? 2.633   7.782   3.728   1.00 0.00 ? 50 ASN A N    1 
ATOM 746 C CA   . ASN A 1 50 ? 1.419   8.206   4.416   1.00 0.00 ? 50 ASN A CA   1 
ATOM 747 C C    . ASN A 1 50 ? 1.763   8.901   5.736   1.00 0.00 ? 50 ASN A C    1 
ATOM 748 O O    . ASN A 1 50 ? 1.259   9.987   6.017   1.00 0.00 ? 50 ASN A O    1 
ATOM 749 C CB   . ASN A 1 50 ? 0.516   6.984   4.642   1.00 0.00 ? 50 ASN A CB   1 
ATOM 750 C CG   . ASN A 1 50 ? -0.751  7.324   5.427   1.00 0.00 ? 50 ASN A CG   1 
ATOM 751 O OD1  . ASN A 1 50 ? -1.777  7.676   4.849   1.00 0.00 ? 50 ASN A OD1  1 
ATOM 752 N ND2  . ASN A 1 50 ? -0.687  7.212   6.756   1.00 0.00 ? 50 ASN A ND2  1 
ATOM 753 H H    . ASN A 1 50 ? 2.762   6.790   3.582   1.00 0.00 ? 50 ASN A H    1 
ATOM 754 H HA   . ASN A 1 50 ? 0.887   8.911   3.774   1.00 0.00 ? 50 ASN A HA   1 
ATOM 755 H HB2  . ASN A 1 50 ? 0.233   6.572   3.675   1.00 0.00 ? 50 ASN A HB2  1 
ATOM 756 H HB3  . ASN A 1 50 ? 1.067   6.215   5.182   1.00 0.00 ? 50 ASN A HB3  1 
ATOM 757 H HD21 . ASN A 1 50 ? 0.174   6.928   7.200   1.00 0.00 ? 50 ASN A HD21 1 
ATOM 758 H HD22 . ASN A 1 50 ? -1.499  7.433   7.312   1.00 0.00 ? 50 ASN A HD22 1 
ATOM 759 N N    . ASP A 1 51 ? 2.612   8.266   6.550   1.00 0.00 ? 51 ASP A N    1 
ATOM 760 C CA   . ASP A 1 51 ? 3.007   8.756   7.863   1.00 0.00 ? 51 ASP A CA   1 
ATOM 761 C C    . ASP A 1 51 ? 3.706   10.113  7.757   1.00 0.00 ? 51 ASP A C    1 
ATOM 762 O O    . ASP A 1 51 ? 3.344   11.049  8.466   1.00 0.00 ? 51 ASP A O    1 
ATOM 763 C CB   . ASP A 1 51 ? 3.903   7.714   8.542   1.00 0.00 ? 51 ASP A CB   1 
ATOM 764 C CG   . ASP A 1 51 ? 4.346   8.176   9.927   1.00 0.00 ? 51 ASP A CG   1 
ATOM 765 O OD1  . ASP A 1 51 ? 3.524   8.046   10.859  1.00 0.00 ? 51 ASP A OD1  1 
ATOM 766 O OD2  . ASP A 1 51 ? 5.496   8.656   10.026  1.00 0.00 ? 51 ASP A OD2  1 
ATOM 767 H H    . ASP A 1 51 ? 2.998   7.382   6.250   1.00 0.00 ? 51 ASP A H    1 
ATOM 768 H HA   . ASP A 1 51 ? 2.107   8.874   8.468   1.00 0.00 ? 51 ASP A HA   1 
ATOM 769 H HB2  . ASP A 1 51 ? 3.352   6.779   8.646   1.00 0.00 ? 51 ASP A HB2  1 
ATOM 770 H HB3  . ASP A 1 51 ? 4.786   7.528   7.929   1.00 0.00 ? 51 ASP A HB3  1 
ATOM 771 N N    . SER A 1 52 ? 4.701   10.222  6.871   1.00 0.00 ? 52 SER A N    1 
ATOM 772 C CA   . SER A 1 52 ? 5.447   11.456  6.654   1.00 0.00 ? 52 SER A CA   1 
ATOM 773 C C    . SER A 1 52 ? 4.544   12.595  6.165   1.00 0.00 ? 52 SER A C    1 
ATOM 774 O O    . SER A 1 52 ? 4.778   13.747  6.524   1.00 0.00 ? 52 SER A O    1 
ATOM 775 C CB   . SER A 1 52 ? 6.614   11.201  5.695   1.00 0.00 ? 52 SER A CB   1 
ATOM 776 O OG   . SER A 1 52 ? 6.154   10.678  4.470   1.00 0.00 ? 52 SER A OG   1 
ATOM 777 H H    . SER A 1 52 ? 4.953   9.414   6.319   1.00 0.00 ? 52 SER A H    1 
ATOM 778 H HA   . SER A 1 52 ? 5.877   11.761  7.610   1.00 0.00 ? 52 SER A HA   1 
ATOM 779 H HB2  . SER A 1 52 ? 7.143   12.137  5.510   1.00 0.00 ? 52 SER A HB2  1 
ATOM 780 H HB3  . SER A 1 52 ? 7.306   10.489  6.145   1.00 0.00 ? 52 SER A HB3  1 
ATOM 781 H HG   . SER A 1 52 ? 5.769   9.811   4.634   1.00 0.00 ? 52 SER A HG   1 
ATOM 782 N N    . GLN A 1 53 ? 3.501   12.278  5.384   1.00 0.00 ? 53 GLN A N    1 
ATOM 783 C CA   . GLN A 1 53 ? 2.540   13.259  4.888   1.00 0.00 ? 53 GLN A CA   1 
ATOM 784 C C    . GLN A 1 53 ? 1.363   13.458  5.855   1.00 0.00 ? 53 GLN A C    1 
ATOM 785 O O    . GLN A 1 53 ? 0.386   14.111  5.487   1.00 0.00 ? 53 GLN A O    1 
ATOM 786 C CB   . GLN A 1 53 ? 2.031   12.819  3.508   1.00 0.00 ? 53 GLN A CB   1 
ATOM 787 C CG   . GLN A 1 53 ? 3.134   12.859  2.442   1.00 0.00 ? 53 GLN A CG   1 
ATOM 788 C CD   . GLN A 1 53 ? 2.607   12.371  1.096   1.00 0.00 ? 53 GLN A CD   1 
ATOM 789 O OE1  . GLN A 1 53 ? 2.564   13.123  0.125   1.00 0.00 ? 53 GLN A OE1  1 
ATOM 790 N NE2  . GLN A 1 53 ? 2.203   11.103  1.035   1.00 0.00 ? 53 GLN A NE2  1 
ATOM 791 H H    . GLN A 1 53 ? 3.369   11.315  5.106   1.00 0.00 ? 53 GLN A H    1 
ATOM 792 H HA   . GLN A 1 53 ? 3.028   14.228  4.765   1.00 0.00 ? 53 GLN A HA   1 
ATOM 793 H HB2  . GLN A 1 53 ? 1.617   11.813  3.591   1.00 0.00 ? 53 GLN A HB2  1 
ATOM 794 H HB3  . GLN A 1 53 ? 1.238   13.490  3.178   1.00 0.00 ? 53 GLN A HB3  1 
ATOM 795 H HG2  . GLN A 1 53 ? 3.488   13.885  2.334   1.00 0.00 ? 53 GLN A HG2  1 
ATOM 796 H HG3  . GLN A 1 53 ? 3.980   12.237  2.736   1.00 0.00 ? 53 GLN A HG3  1 
ATOM 797 H HE21 . GLN A 1 53 ? 2.283   10.515  1.855   1.00 0.00 ? 53 GLN A HE21 1 
ATOM 798 H HE22 . GLN A 1 53 ? 1.824   10.738  0.171   1.00 0.00 ? 53 GLN A HE22 1 
ATOM 799 N N    . ALA A 1 54 ? 1.429   12.926  7.085   1.00 0.00 ? 54 ALA A N    1 
ATOM 800 C CA   . ALA A 1 54 ? 0.360   13.097  8.059   1.00 0.00 ? 54 ALA A CA   1 
ATOM 801 C C    . ALA A 1 54 ? 0.258   14.564  8.490   1.00 0.00 ? 54 ALA A C    1 
ATOM 802 O O    . ALA A 1 54 ? 1.288   15.211  8.676   1.00 0.00 ? 54 ALA A O    1 
ATOM 803 C CB   . ALA A 1 54 ? 0.600   12.194  9.272   1.00 0.00 ? 54 ALA A CB   1 
ATOM 804 H H    . ALA A 1 54 ? 2.242   12.395  7.367   1.00 0.00 ? 54 ALA A H    1 
ATOM 805 H HA   . ALA A 1 54 ? -0.561  12.776  7.578   1.00 0.00 ? 54 ALA A HA   1 
ATOM 806 H HB1  . ALA A 1 54 ? 0.683   11.155  8.953   1.00 0.00 ? 54 ALA A HB1  1 
ATOM 807 H HB2  . ALA A 1 54 ? 1.518   12.491  9.783   1.00 0.00 ? 54 ALA A HB2  1 
ATOM 808 H HB3  . ALA A 1 54 ? -0.235  12.283  9.967   1.00 0.00 ? 54 ALA A HB3  1 
ATOM 809 N N    . PRO A 1 55 ? -0.961  15.106  8.653   1.00 0.00 ? 55 PRO A N    1 
ATOM 810 C CA   . PRO A 1 55 ? -1.170  16.496  9.032   1.00 0.00 ? 55 PRO A CA   1 
ATOM 811 C C    . PRO A 1 55 ? -0.742  16.751  10.480  1.00 0.00 ? 55 PRO A C    1 
ATOM 812 O O    . PRO A 1 55 ? -0.142  17.783  10.772  1.00 0.00 ? 55 PRO A O    1 
ATOM 813 C CB   . PRO A 1 55 ? -2.664  16.757  8.821   1.00 0.00 ? 55 PRO A CB   1 
ATOM 814 C CG   . PRO A 1 55 ? -3.300  15.380  9.010   1.00 0.00 ? 55 PRO A CG   1 
ATOM 815 C CD   . PRO A 1 55 ? -2.235  14.431  8.460   1.00 0.00 ? 55 PRO A CD   1 
ATOM 816 H HA   . PRO A 1 55 ? -0.601  17.155  8.374   1.00 0.00 ? 55 PRO A HA   1 
ATOM 817 H HB2  . PRO A 1 55 ? -3.068  17.499  9.512   1.00 0.00 ? 55 PRO A HB2  1 
ATOM 818 H HB3  . PRO A 1 55 ? -2.827  17.081  7.792   1.00 0.00 ? 55 PRO A HB3  1 
ATOM 819 H HG2  . PRO A 1 55 ? -3.452  15.189  10.072  1.00 0.00 ? 55 PRO A HG2  1 
ATOM 820 H HG3  . PRO A 1 55 ? -4.248  15.287  8.477   1.00 0.00 ? 55 PRO A HG3  1 
ATOM 821 H HD2  . PRO A 1 55 ? -2.280  13.477  8.988   1.00 0.00 ? 55 PRO A HD2  1 
ATOM 822 H HD3  . PRO A 1 55 ? -2.402  14.279  7.392   1.00 0.00 ? 55 PRO A HD3  1 
ATOM 823 N N    . LYS A 1 56 ? -1.049  15.818  11.390  1.00 0.00 ? 56 LYS A N    1 
ATOM 824 C CA   . LYS A 1 56 ? -0.694  15.949  12.793  1.00 0.00 ? 56 LYS A CA   1 
ATOM 825 C C    . LYS A 1 56 ? -1.823  16.653  13.548  1.00 0.00 ? 56 LYS A C    1 
ATOM 826 O O    . LYS A 1 56 ? -2.376  16.012  14.468  1.00 0.00 ? 56 LYS A O    1 
ATOM 827 C CB   . LYS A 1 56 ? 0.641   16.701  12.911  1.00 0.00 ? 56 LYS A CB   1 
ATOM 828 C CG   . LYS A 1 56 ? 1.106   16.928  14.358  1.00 0.00 ? 56 LYS A CG   1 
ATOM 829 C CD   . LYS A 1 56 ? 1.335   15.612  15.116  1.00 0.00 ? 56 LYS A CD   1 
ATOM 830 C CE   . LYS A 1 56 ? 1.986   15.852  16.483  1.00 0.00 ? 56 LYS A CE   1 
ATOM 831 N NZ   . LYS A 1 56 ? 1.101   16.606  17.351  1.00 0.00 ? 56 LYS A NZ   1 
ATOM 832 O OXT  . LYS A 1 56 ? -2.114  17.818  13.198  1.00 0.00 ? 56 LYS A OXT  1 
ATOM 833 H H    . LYS A 1 56 ? -1.536  14.984  11.099  1.00 0.00 ? 56 LYS A H    1 
ATOM 834 H HA   . LYS A 1 56 ? -0.570  14.942  13.188  1.00 0.00 ? 56 LYS A HA   1 
ATOM 835 H HB2  . LYS A 1 56 ? 1.410   16.136  12.382  1.00 0.00 ? 56 LYS A HB2  1 
ATOM 836 H HB3  . LYS A 1 56 ? 0.546   17.675  12.428  1.00 0.00 ? 56 LYS A HB3  1 
ATOM 837 H HG2  . LYS A 1 56 ? 2.050   17.475  14.319  1.00 0.00 ? 56 LYS A HG2  1 
ATOM 838 H HG3  . LYS A 1 56 ? 0.379   17.544  14.888  1.00 0.00 ? 56 LYS A HG3  1 
ATOM 839 H HD2  . LYS A 1 56 ? 0.390   15.089  15.262  1.00 0.00 ? 56 LYS A HD2  1 
ATOM 840 H HD3  . LYS A 1 56 ? 2.000   14.977  14.527  1.00 0.00 ? 56 LYS A HD3  1 
ATOM 841 H HE2  . LYS A 1 56 ? 2.203   14.889  16.948  1.00 0.00 ? 56 LYS A HE2  1 
ATOM 842 H HE3  . LYS A 1 56 ? 2.922   16.397  16.357  1.00 0.00 ? 56 LYS A HE3  1 
ATOM 843 H HZ1  . LYS A 1 56 ? 1.521   16.866  18.231  1.00 0.00 ? 56 LYS A HZ1  1 
ATOM 844 H HZ2  . LYS A 1 56 ? 0.183   16.196  17.450  1.00 0.00 ? 56 LYS A HZ2  1 
# 
